data_5DKY
#
_entry.id   5DKY
#
_cell.length_a   189.523
_cell.length_b   189.523
_cell.length_c   157.784
_cell.angle_alpha   90.00
_cell.angle_beta   90.00
_cell.angle_gamma   120.00
#
_symmetry.space_group_name_H-M   'H 3 2'
#
loop_
_entity.id
_entity.type
_entity.pdbx_description
1 polymer 'Alpha glucosidase-like protein'
2 non-polymer 1-DEOXYNOJIRIMYCIN
3 water water
#
_entity_poly.entity_id   1
_entity_poly.type   'polypeptide(L)'
_entity_poly.pdbx_seq_one_letter_code
;GSEFVKEHDWKKCDQSGFCRRNRAYADHALSAISWESPYKIAPETGSFKDGQYQAIILKTINDHGETVRLPLTVSFLESG
TARVTIDEEKRQKGEIELRHDSKARKERYNEAEQWVIVGGMTLDKGAKVDYEDKTQMTVKYGPSSKFEATIKFAPFSIDF
KRDGASHIKFNDQGLLNIEHWRPKIDPPPEPEKKEGEQQPDKKEEAPREDDSTWWEESFGGNTDSKPRGPESVGLDISFV
GYEHVFGIPSHASPLSLKQTRGGEGNYNEPYRMYNADVFEYILDSPMTLYGSIPFMQAHRKDSSVGIFWLNAAETWVDIT
KGKDSKNPLALGVKSKITTRTHWFSESGLLDVFVFLGPTPKDIISKYAELTGTTAMPQEFSLGYHQCRWNYVSDEDVKDV
DRKMDKFNMPYDVIWLDIEYTDEKKYFTWDKHSFKDPIGMGKQLEAHGRKLVTIIDPHIKNTNNYPVVDELKSKDLAVKT
KDGSIFEGWCWPGSSHWIDAFNPAAREWWKGLFKYDKFKGTMENTFIWNDMNEPSVFNGPEVTMPKDNLHHGNWEHRDVH
NLNGMTFQNATYHALLSRKPGEHRRPFVLTRAFFAGSQRLGAMWTGDNTADWGYLKASIPMVLSQGIAGFPFAGADVGGF
FGNPDKDLLTRWYQTGIFYPFFRAHAHIDARRREPYLTGEPYNTIIAAALRLRYSLLPSWYTAFRHAHLDGTPIIKPMFY
THPSEEAGLPIDDQFFIGNTGLLAKPVTDKDRTSVDIWIPDSEVYYDYFTYDIISAAKSKTATLDAPLEKIPLLMRGGHV
FARRDIPRRSSALMKWDPYTLVVVLGNDRKAEGDLYVDDGDSFDYEKGQYIHRRFIFDANTLTSADYEGRDDASIKEGEW
LKKMRTVNVEKIIVVGAPAAWKGKKTVTVESEGKTWAAAIEYNPAEKSRAAFAVVKKVGVRVGADFKIVFG
;
_entity_poly.pdbx_strand_id   A
#
# COMPACT_ATOMS: atom_id res chain seq x y z
N GLU A 3 -8.45 -12.01 -25.13
CA GLU A 3 -7.09 -11.71 -24.58
C GLU A 3 -6.06 -12.57 -25.31
N PHE A 4 -4.84 -12.05 -25.36
CA PHE A 4 -3.84 -12.56 -26.26
C PHE A 4 -3.21 -13.88 -25.79
N VAL A 5 -2.67 -13.89 -24.57
CA VAL A 5 -2.10 -15.09 -23.96
C VAL A 5 -3.25 -15.98 -23.41
N LYS A 6 -3.34 -17.21 -23.93
CA LYS A 6 -4.37 -18.18 -23.51
C LYS A 6 -3.92 -19.04 -22.32
N GLU A 7 -2.65 -19.47 -22.36
CA GLU A 7 -2.07 -20.32 -21.33
C GLU A 7 -0.68 -19.79 -20.93
N HIS A 8 -0.65 -19.16 -19.75
CA HIS A 8 0.50 -18.34 -19.35
C HIS A 8 1.64 -19.21 -18.86
N ASP A 9 2.85 -18.72 -19.06
CA ASP A 9 4.05 -19.35 -18.56
C ASP A 9 4.74 -18.37 -17.62
N TRP A 10 4.91 -18.80 -16.37
CA TRP A 10 5.54 -18.00 -15.33
C TRP A 10 6.75 -18.73 -14.89
N LYS A 11 7.88 -18.04 -14.73
CA LYS A 11 9.04 -18.73 -14.22
C LYS A 11 8.75 -19.21 -12.81
N LYS A 12 8.94 -20.51 -12.62
CA LYS A 12 9.21 -21.05 -11.30
C LYS A 12 10.63 -20.71 -10.84
N CYS A 13 10.93 -20.85 -9.55
CA CYS A 13 12.19 -20.39 -9.06
CA CYS A 13 12.24 -20.43 -9.00
C CYS A 13 13.35 -21.07 -9.78
N ASP A 14 13.20 -22.36 -10.11
CA ASP A 14 14.24 -23.07 -10.83
C ASP A 14 14.51 -22.57 -12.25
N GLN A 15 13.54 -21.86 -12.83
CA GLN A 15 13.65 -21.34 -14.19
C GLN A 15 14.18 -19.91 -14.23
N SER A 16 14.38 -19.29 -13.05
CA SER A 16 15.04 -18.02 -12.97
C SER A 16 16.46 -18.31 -12.55
N GLY A 17 17.41 -18.02 -13.45
CA GLY A 17 18.78 -18.39 -13.22
C GLY A 17 19.31 -17.94 -11.89
N PHE A 18 19.17 -16.65 -11.59
CA PHE A 18 19.77 -16.12 -10.37
C PHE A 18 19.04 -16.64 -9.13
N CYS A 19 17.74 -16.93 -9.25
CA CYS A 19 17.02 -17.58 -8.16
CA CYS A 19 17.05 -17.59 -8.15
C CYS A 19 17.56 -18.98 -7.90
N ARG A 20 17.72 -19.76 -8.97
CA ARG A 20 18.34 -21.08 -8.85
C ARG A 20 19.71 -20.98 -8.16
N ARG A 21 20.56 -20.04 -8.59
CA ARG A 21 21.88 -19.91 -8.00
C ARG A 21 21.80 -19.56 -6.51
N ASN A 22 20.92 -18.65 -6.13
CA ASN A 22 20.87 -18.27 -4.72
C ASN A 22 20.25 -19.35 -3.85
N ARG A 23 19.22 -20.00 -4.33
CA ARG A 23 18.72 -21.17 -3.61
C ARG A 23 19.75 -22.25 -3.44
N ALA A 24 20.56 -22.49 -4.48
CA ALA A 24 21.60 -23.51 -4.43
C ALA A 24 22.70 -23.08 -3.44
N TYR A 25 22.99 -21.78 -3.39
CA TYR A 25 23.99 -21.24 -2.46
C TYR A 25 23.52 -21.49 -1.03
N ALA A 26 22.24 -21.24 -0.77
CA ALA A 26 21.65 -21.55 0.55
C ALA A 26 21.75 -23.04 0.85
N ASP A 27 21.41 -23.86 -0.13
CA ASP A 27 21.38 -25.30 0.08
C ASP A 27 22.78 -25.76 0.48
N HIS A 28 23.80 -25.26 -0.20
CA HIS A 28 25.19 -25.61 0.11
C HIS A 28 25.57 -25.13 1.52
N ALA A 29 25.34 -23.85 1.76
CA ALA A 29 25.73 -23.22 3.02
C ALA A 29 25.07 -23.90 4.23
N LEU A 30 23.80 -24.26 4.10
CA LEU A 30 23.02 -24.74 5.22
C LEU A 30 23.29 -26.23 5.50
N SER A 31 23.86 -26.91 4.51
CA SER A 31 24.31 -28.28 4.67
C SER A 31 25.85 -28.42 4.83
N ALA A 32 26.64 -27.39 4.50
CA ALA A 32 28.08 -27.44 4.74
C ALA A 32 28.42 -27.51 6.23
N ILE A 33 29.54 -28.16 6.51
CA ILE A 33 30.02 -28.30 7.86
C ILE A 33 30.91 -27.13 8.16
N SER A 34 30.61 -26.43 9.25
CA SER A 34 31.36 -25.22 9.62
C SER A 34 31.44 -24.31 8.39
N TRP A 35 30.29 -24.06 7.78
CA TRP A 35 30.22 -23.06 6.71
C TRP A 35 30.65 -21.69 7.23
N GLU A 36 31.58 -21.06 6.50
CA GLU A 36 31.90 -19.66 6.76
C GLU A 36 31.68 -18.81 5.51
N SER A 37 30.89 -17.77 5.68
CA SER A 37 30.71 -16.79 4.61
C SER A 37 32.08 -16.22 4.16
N PRO A 38 32.39 -16.28 2.85
CA PRO A 38 33.70 -15.85 2.38
C PRO A 38 33.84 -14.35 2.18
N TYR A 39 33.37 -13.60 3.17
CA TYR A 39 33.35 -12.15 3.16
C TYR A 39 33.87 -11.65 4.51
N LYS A 40 34.80 -10.72 4.48
CA LYS A 40 35.44 -10.17 5.66
C LYS A 40 35.59 -8.68 5.48
N ILE A 41 35.30 -7.92 6.52
CA ILE A 41 35.72 -6.55 6.55
C ILE A 41 37.24 -6.50 6.77
N ALA A 42 37.92 -5.69 5.98
CA ALA A 42 39.33 -5.36 6.21
C ALA A 42 39.37 -4.23 7.23
N PRO A 43 39.64 -4.54 8.51
CA PRO A 43 39.35 -3.55 9.56
C PRO A 43 40.09 -2.24 9.39
N GLU A 44 41.32 -2.28 8.85
CA GLU A 44 42.11 -1.06 8.61
C GLU A 44 41.50 -0.11 7.58
N THR A 45 40.54 -0.59 6.80
CA THR A 45 39.85 0.25 5.85
C THR A 45 38.66 0.99 6.48
N GLY A 46 38.34 0.66 7.73
CA GLY A 46 37.12 1.14 8.38
C GLY A 46 37.31 2.54 8.92
N SER A 47 36.29 3.38 8.80
CA SER A 47 36.26 4.64 9.52
C SER A 47 34.84 4.94 9.95
N PHE A 48 34.69 5.49 11.15
CA PHE A 48 33.41 5.96 11.64
C PHE A 48 33.45 7.46 11.86
N LYS A 49 32.56 8.19 11.21
CA LYS A 49 32.45 9.62 11.39
C LYS A 49 31.01 10.06 11.24
N ASP A 50 30.50 10.84 12.19
CA ASP A 50 29.28 11.63 12.00
C ASP A 50 28.13 10.73 11.54
N GLY A 51 28.00 9.58 12.21
CA GLY A 51 26.86 8.69 12.02
C GLY A 51 27.01 7.67 10.91
N GLN A 52 28.21 7.53 10.34
CA GLN A 52 28.42 6.64 9.22
C GLN A 52 29.73 5.84 9.36
N TYR A 53 29.61 4.52 9.28
CA TYR A 53 30.73 3.63 9.07
C TYR A 53 30.99 3.30 7.59
N GLN A 54 32.23 3.37 7.18
CA GLN A 54 32.59 2.99 5.82
C GLN A 54 33.77 2.05 5.91
N ALA A 55 33.74 0.98 5.12
CA ALA A 55 34.87 0.02 5.09
C ALA A 55 34.83 -0.76 3.78
N ILE A 56 35.87 -1.54 3.52
CA ILE A 56 35.92 -2.48 2.42
C ILE A 56 35.70 -3.89 2.92
N ILE A 57 34.68 -4.54 2.36
CA ILE A 57 34.55 -5.99 2.47
C ILE A 57 35.35 -6.63 1.35
N LEU A 58 36.17 -7.61 1.72
CA LEU A 58 36.83 -8.48 0.76
C LEU A 58 36.09 -9.76 0.63
N LYS A 59 35.63 -10.06 -0.59
CA LYS A 59 35.09 -11.36 -0.91
C LYS A 59 36.19 -12.26 -1.47
N THR A 60 36.37 -13.43 -0.86
CA THR A 60 37.27 -14.44 -1.40
C THR A 60 36.54 -15.21 -2.49
N ILE A 61 37.09 -15.18 -3.72
CA ILE A 61 36.35 -15.68 -4.89
C ILE A 61 36.81 -17.05 -5.40
N ASN A 62 37.93 -17.56 -4.89
CA ASN A 62 38.46 -18.86 -5.31
C ASN A 62 39.43 -19.43 -4.27
N ASP A 63 39.94 -20.63 -4.55
CA ASP A 63 40.84 -21.35 -3.64
C ASP A 63 42.22 -20.76 -3.53
N HIS A 64 42.62 -19.94 -4.49
CA HIS A 64 43.90 -19.26 -4.41
C HIS A 64 43.87 -18.08 -3.44
N GLY A 65 42.73 -17.85 -2.78
CA GLY A 65 42.53 -16.68 -1.93
C GLY A 65 42.44 -15.34 -2.64
N GLU A 66 42.12 -15.34 -3.93
CA GLU A 66 41.92 -14.07 -4.66
C GLU A 66 40.67 -13.38 -4.12
N THR A 67 40.74 -12.06 -3.96
CA THR A 67 39.63 -11.27 -3.44
C THR A 67 39.12 -10.21 -4.43
N VAL A 68 37.86 -9.80 -4.23
CA VAL A 68 37.36 -8.56 -4.80
C VAL A 68 36.84 -7.65 -3.69
N ARG A 69 36.87 -6.37 -3.96
CA ARG A 69 36.56 -5.30 -3.01
C ARG A 69 35.11 -4.83 -3.16
N LEU A 70 34.39 -4.85 -2.05
CA LEU A 70 32.95 -4.53 -1.99
C LEU A 70 32.77 -3.46 -0.92
N PRO A 71 32.67 -2.18 -1.33
CA PRO A 71 32.53 -1.12 -0.36
C PRO A 71 31.26 -1.22 0.46
N LEU A 72 31.42 -1.09 1.78
CA LEU A 72 30.32 -1.19 2.76
C LEU A 72 30.08 0.18 3.35
N THR A 73 28.81 0.58 3.44
CA THR A 73 28.44 1.78 4.14
C THR A 73 27.32 1.47 5.14
N VAL A 74 27.51 1.80 6.40
CA VAL A 74 26.47 1.60 7.42
C VAL A 74 26.17 2.99 7.99
N SER A 75 24.92 3.42 7.83
CA SER A 75 24.49 4.73 8.28
C SER A 75 23.53 4.58 9.44
N PHE A 76 23.70 5.45 10.42
CA PHE A 76 22.83 5.46 11.58
C PHE A 76 22.08 6.78 11.56
N LEU A 77 20.76 6.71 11.34
CA LEU A 77 20.00 7.90 10.98
C LEU A 77 19.37 8.46 12.25
N GLU A 78 19.10 9.78 12.25
CA GLU A 78 18.48 10.44 13.41
C GLU A 78 17.18 9.82 13.85
N SER A 79 16.43 9.24 12.92
CA SER A 79 15.17 8.54 13.24
C SER A 79 15.35 7.31 14.13
N GLY A 80 16.58 6.79 14.23
CA GLY A 80 16.83 5.49 14.78
C GLY A 80 16.86 4.32 13.81
N THR A 81 16.58 4.61 12.53
CA THR A 81 16.73 3.63 11.48
C THR A 81 18.21 3.51 11.12
N ALA A 82 18.64 2.30 10.79
CA ALA A 82 19.96 2.09 10.19
C ALA A 82 19.87 1.70 8.72
N ARG A 83 20.93 1.98 7.94
CA ARG A 83 20.99 1.59 6.53
C ARG A 83 22.29 0.87 6.26
N VAL A 84 22.20 -0.29 5.63
CA VAL A 84 23.39 -1.05 5.23
C VAL A 84 23.46 -1.16 3.70
N THR A 85 24.55 -0.70 3.09
CA THR A 85 24.70 -0.72 1.63
C THR A 85 26.00 -1.39 1.27
N ILE A 86 25.94 -2.31 0.30
CA ILE A 86 27.15 -2.96 -0.25
C ILE A 86 27.15 -2.79 -1.76
N ASP A 87 28.26 -2.27 -2.29
CA ASP A 87 28.45 -2.02 -3.72
C ASP A 87 29.68 -2.81 -4.13
N GLU A 88 30.11 -2.65 -5.37
CA GLU A 88 31.17 -3.46 -5.95
C GLU A 88 32.16 -2.52 -6.64
N GLU A 89 33.39 -2.45 -6.11
CA GLU A 89 34.30 -1.36 -6.48
C GLU A 89 34.71 -1.40 -7.96
N LYS A 90 34.92 -2.59 -8.49
CA LYS A 90 35.32 -2.73 -9.86
C LYS A 90 34.27 -2.16 -10.78
N ARG A 91 33.00 -2.36 -10.42
CA ARG A 91 31.92 -1.80 -11.20
C ARG A 91 31.75 -0.28 -11.00
N GLN A 92 31.99 0.22 -9.80
CA GLN A 92 31.98 1.67 -9.55
C GLN A 92 33.00 2.38 -10.40
N LYS A 93 34.15 1.71 -10.58
CA LYS A 93 35.28 2.23 -11.37
C LYS A 93 35.12 2.00 -12.88
N GLY A 94 34.10 1.25 -13.29
CA GLY A 94 33.87 1.01 -14.71
C GLY A 94 34.84 0.00 -15.32
N GLU A 95 35.51 -0.80 -14.49
CA GLU A 95 36.54 -1.73 -14.97
C GLU A 95 35.95 -3.11 -15.24
N ILE A 96 34.89 -3.14 -16.04
CA ILE A 96 34.33 -4.37 -16.56
C ILE A 96 34.02 -4.15 -18.02
N GLU A 97 33.72 -5.21 -18.71
CA GLU A 97 33.35 -5.13 -20.12
C GLU A 97 32.02 -5.80 -20.35
N LEU A 98 31.06 -5.07 -20.85
CA LEU A 98 29.77 -5.64 -21.18
C LEU A 98 29.90 -6.45 -22.46
N ARG A 99 29.15 -7.53 -22.52
CA ARG A 99 29.09 -8.38 -23.70
C ARG A 99 28.29 -7.74 -24.84
N HIS A 100 28.49 -8.24 -26.06
CA HIS A 100 27.66 -7.88 -27.22
C HIS A 100 27.77 -6.42 -27.66
N ASP A 101 28.86 -5.74 -27.30
CA ASP A 101 29.01 -4.29 -27.50
C ASP A 101 27.89 -3.46 -26.85
N SER A 102 27.27 -4.03 -25.83
CA SER A 102 26.22 -3.33 -25.08
C SER A 102 26.67 -1.98 -24.52
N LYS A 103 25.78 -1.01 -24.62
CA LYS A 103 25.96 0.31 -24.02
C LYS A 103 25.29 0.40 -22.63
N ALA A 104 24.84 -0.72 -22.10
CA ALA A 104 24.22 -0.72 -20.76
C ALA A 104 25.24 -0.23 -19.73
N ARG A 105 24.74 0.43 -18.68
CA ARG A 105 25.57 0.92 -17.60
C ARG A 105 26.39 -0.16 -16.92
N LYS A 106 27.62 0.20 -16.61
CA LYS A 106 28.50 -0.73 -15.94
C LYS A 106 28.25 -0.77 -14.43
N GLU A 107 27.93 0.39 -13.85
CA GLU A 107 27.66 0.51 -12.41
C GLU A 107 26.48 -0.35 -11.99
N ARG A 108 26.51 -0.78 -10.74
CA ARG A 108 25.32 -1.32 -10.08
C ARG A 108 24.26 -0.24 -9.93
N TYR A 109 23.03 -0.56 -10.34
CA TYR A 109 21.96 0.41 -10.27
C TYR A 109 21.82 1.06 -8.90
N ASN A 110 21.90 2.38 -8.89
CA ASN A 110 21.97 3.13 -7.66
C ASN A 110 20.99 4.31 -7.63
N GLU A 111 19.91 4.24 -8.43
CA GLU A 111 18.93 5.30 -8.44
C GLU A 111 17.59 4.91 -7.83
N ALA A 112 17.50 3.71 -7.26
CA ALA A 112 16.26 3.40 -6.52
C ALA A 112 15.99 4.44 -5.43
N GLU A 113 17.04 4.87 -4.74
CA GLU A 113 16.94 5.95 -3.74
C GLU A 113 16.29 7.22 -4.28
N GLN A 114 16.73 7.66 -5.46
CA GLN A 114 16.20 8.86 -6.10
C GLN A 114 14.70 8.75 -6.36
N TRP A 115 14.23 7.55 -6.71
CA TRP A 115 12.81 7.36 -7.00
C TRP A 115 11.98 7.20 -5.74
N VAL A 116 12.57 6.57 -4.72
CA VAL A 116 11.79 6.09 -3.58
C VAL A 116 11.91 7.00 -2.35
N ILE A 117 13.10 7.47 -2.03
CA ILE A 117 13.37 8.10 -0.74
C ILE A 117 13.11 9.61 -0.86
N VAL A 118 12.26 10.10 0.04
CA VAL A 118 11.89 11.50 0.09
C VAL A 118 12.25 12.21 1.39
N GLY A 119 12.70 11.47 2.39
CA GLY A 119 13.05 12.06 3.67
C GLY A 119 13.74 11.06 4.55
N GLY A 120 13.99 11.48 5.80
CA GLY A 120 14.47 10.61 6.85
C GLY A 120 15.93 10.25 6.80
N MET A 121 16.70 10.94 5.95
CA MET A 121 18.07 10.55 5.68
C MET A 121 19.13 11.28 6.52
N THR A 122 18.70 12.09 7.49
CA THR A 122 19.67 12.85 8.30
C THR A 122 20.48 11.92 9.20
N LEU A 123 21.80 11.99 9.08
CA LEU A 123 22.69 11.13 9.87
C LEU A 123 22.70 11.57 11.34
N ASP A 124 22.77 10.59 12.22
CA ASP A 124 22.81 10.84 13.65
C ASP A 124 24.26 11.05 14.15
N LYS A 125 24.61 12.30 14.40
CA LYS A 125 25.94 12.63 14.89
C LYS A 125 26.11 12.27 16.36
N GLY A 126 25.02 11.93 17.04
CA GLY A 126 25.07 11.29 18.35
C GLY A 126 25.40 9.82 18.38
N ALA A 127 25.38 9.17 17.21
CA ALA A 127 25.71 7.76 17.14
C ALA A 127 27.20 7.62 17.45
N LYS A 128 27.59 6.58 18.15
CA LYS A 128 28.96 6.48 18.64
C LYS A 128 29.46 5.04 18.72
N VAL A 129 30.76 4.86 18.49
CA VAL A 129 31.41 3.57 18.73
C VAL A 129 31.59 3.37 20.21
N ASP A 130 30.88 2.40 20.75
CA ASP A 130 30.93 2.06 22.15
C ASP A 130 32.08 1.12 22.45
N TYR A 131 32.35 0.19 21.55
CA TYR A 131 33.39 -0.79 21.73
C TYR A 131 33.93 -1.14 20.34
N GLU A 132 35.24 -1.30 20.26
CA GLU A 132 35.81 -2.13 19.24
C GLU A 132 37.09 -2.80 19.64
N ASP A 133 37.38 -3.89 18.95
CA ASP A 133 38.68 -4.50 18.97
C ASP A 133 39.00 -4.89 17.52
N LYS A 134 39.89 -5.86 17.34
CA LYS A 134 40.35 -6.18 15.97
C LYS A 134 39.41 -7.19 15.31
N THR A 135 38.43 -7.69 16.08
CA THR A 135 37.41 -8.62 15.56
C THR A 135 36.00 -8.01 15.32
N GLN A 136 35.69 -6.88 15.94
CA GLN A 136 34.33 -6.35 15.86
C GLN A 136 34.25 -4.92 16.33
N MET A 137 33.10 -4.29 16.08
CA MET A 137 32.81 -3.01 16.68
C MET A 137 31.32 -2.89 16.95
N THR A 138 30.96 -2.21 18.03
CA THR A 138 29.59 -1.97 18.35
C THR A 138 29.29 -0.47 18.36
N VAL A 139 28.24 -0.10 17.65
CA VAL A 139 27.81 1.27 17.55
C VAL A 139 26.51 1.37 18.34
N LYS A 140 26.44 2.33 19.25
CA LYS A 140 25.19 2.69 19.89
C LYS A 140 24.55 3.83 19.13
N TYR A 141 23.23 3.78 18.98
CA TYR A 141 22.49 4.81 18.24
C TYR A 141 21.04 4.77 18.69
N GLY A 142 20.19 5.49 17.99
CA GLY A 142 18.78 5.49 18.30
C GLY A 142 18.49 6.41 19.46
N PRO A 143 17.22 6.40 19.91
CA PRO A 143 16.75 7.25 21.02
C PRO A 143 17.49 6.92 22.30
N SER A 144 18.09 7.95 22.91
CA SER A 144 18.92 7.79 24.08
C SER A 144 19.95 6.67 23.96
N SER A 145 20.49 6.46 22.76
CA SER A 145 21.50 5.45 22.52
C SER A 145 21.04 4.03 22.88
N LYS A 146 19.74 3.76 22.77
CA LYS A 146 19.17 2.47 23.18
C LYS A 146 19.36 1.35 22.16
N PHE A 147 19.74 1.69 20.93
CA PHE A 147 19.91 0.69 19.88
C PHE A 147 21.39 0.41 19.69
N GLU A 148 21.74 -0.83 19.34
CA GLU A 148 23.13 -1.20 19.07
C GLU A 148 23.20 -1.97 17.78
N ALA A 149 24.26 -1.74 17.03
CA ALA A 149 24.64 -2.62 15.93
C ALA A 149 26.04 -3.14 16.20
N THR A 150 26.17 -4.45 16.25
CA THR A 150 27.50 -5.08 16.43
C THR A 150 27.91 -5.63 15.08
N ILE A 151 28.96 -5.04 14.52
CA ILE A 151 29.52 -5.41 13.23
C ILE A 151 30.74 -6.30 13.50
N LYS A 152 30.65 -7.56 13.07
CA LYS A 152 31.75 -8.52 13.18
C LYS A 152 32.47 -8.56 11.86
N PHE A 153 33.80 -8.58 11.92
CA PHE A 153 34.61 -8.39 10.71
C PHE A 153 34.83 -9.67 9.95
N ALA A 154 35.00 -10.81 10.63
CA ALA A 154 35.48 -12.03 9.98
C ALA A 154 34.89 -13.26 10.63
N PRO A 155 33.96 -13.96 9.96
CA PRO A 155 33.19 -13.49 8.79
C PRO A 155 32.29 -12.28 9.07
N PHE A 156 32.05 -11.50 8.04
CA PHE A 156 31.17 -10.33 8.14
C PHE A 156 29.80 -10.75 8.67
N SER A 157 29.32 -10.05 9.69
CA SER A 157 27.91 -10.14 10.11
C SER A 157 27.51 -8.88 10.84
N ILE A 158 26.21 -8.62 10.93
CA ILE A 158 25.74 -7.52 11.75
C ILE A 158 24.58 -8.01 12.63
N ASP A 159 24.62 -7.64 13.91
CA ASP A 159 23.56 -7.97 14.86
C ASP A 159 22.96 -6.65 15.36
N PHE A 160 21.65 -6.49 15.19
CA PHE A 160 20.97 -5.29 15.63
C PHE A 160 20.19 -5.62 16.89
N LYS A 161 20.46 -4.82 17.94
CA LYS A 161 20.04 -5.13 19.30
C LYS A 161 19.28 -3.99 19.93
N ARG A 162 18.38 -4.34 20.84
CA ARG A 162 17.85 -3.42 21.83
C ARG A 162 17.25 -4.19 22.98
N ASP A 163 17.01 -3.51 24.10
CA ASP A 163 16.34 -4.13 25.26
C ASP A 163 16.96 -5.47 25.66
N GLY A 164 18.29 -5.49 25.64
CA GLY A 164 19.08 -6.64 26.07
C GLY A 164 19.09 -7.87 25.18
N ALA A 165 18.67 -7.76 23.92
CA ALA A 165 18.71 -8.91 23.02
C ALA A 165 19.00 -8.49 21.58
N SER A 166 19.52 -9.44 20.82
CA SER A 166 19.48 -9.35 19.36
C SER A 166 18.05 -9.51 18.82
N HIS A 167 17.69 -8.66 17.87
CA HIS A 167 16.41 -8.78 17.17
C HIS A 167 16.53 -9.14 15.70
N ILE A 168 17.50 -8.55 15.03
CA ILE A 168 17.72 -8.80 13.61
C ILE A 168 19.19 -9.14 13.40
N LYS A 169 19.47 -10.26 12.74
CA LYS A 169 20.83 -10.58 12.33
C LYS A 169 20.96 -10.65 10.81
N PHE A 170 22.05 -10.10 10.32
CA PHE A 170 22.44 -10.14 8.92
C PHE A 170 23.61 -11.14 8.79
N ASN A 171 23.45 -12.14 7.93
CA ASN A 171 24.52 -13.11 7.60
C ASN A 171 24.86 -14.09 8.72
N ASP A 172 23.94 -14.27 9.66
CA ASP A 172 24.11 -15.30 10.68
C ASP A 172 24.24 -16.68 10.06
N GLN A 173 23.49 -16.93 8.99
CA GLN A 173 23.56 -18.22 8.28
C GLN A 173 24.58 -18.20 7.13
N GLY A 174 25.21 -17.06 6.89
CA GLY A 174 26.30 -16.99 5.91
C GLY A 174 25.81 -17.01 4.48
N LEU A 175 24.61 -16.45 4.22
CA LEU A 175 24.06 -16.48 2.87
C LEU A 175 24.37 -15.25 2.04
N LEU A 176 25.10 -14.30 2.62
CA LEU A 176 25.51 -13.11 1.86
C LEU A 176 26.12 -13.54 0.52
N ASN A 177 25.61 -12.95 -0.57
CA ASN A 177 26.06 -13.32 -1.91
C ASN A 177 26.00 -12.09 -2.79
N ILE A 178 27.15 -11.54 -3.12
CA ILE A 178 27.26 -10.51 -4.15
C ILE A 178 27.98 -11.12 -5.36
N GLU A 179 27.27 -11.34 -6.44
CA GLU A 179 27.89 -11.94 -7.64
C GLU A 179 28.73 -10.88 -8.32
N HIS A 180 30.03 -11.01 -8.11
CA HIS A 180 31.02 -10.11 -8.68
C HIS A 180 31.13 -10.33 -10.20
N TRP A 181 31.52 -9.29 -10.91
CA TRP A 181 31.61 -9.36 -12.36
C TRP A 181 32.67 -10.41 -12.75
N ARG A 182 32.37 -11.27 -13.70
CA ARG A 182 33.40 -12.07 -14.36
C ARG A 182 33.21 -12.09 -15.83
N PRO A 183 34.32 -12.26 -16.61
CA PRO A 183 34.23 -12.55 -18.01
C PRO A 183 33.72 -13.96 -18.31
N LYS A 184 33.18 -14.15 -19.51
CA LYS A 184 32.74 -15.44 -19.99
C LYS A 184 33.94 -16.15 -20.54
N ILE A 185 34.41 -17.15 -19.79
CA ILE A 185 35.60 -17.90 -20.13
C ILE A 185 35.26 -19.36 -19.97
N ASP A 186 35.88 -20.20 -20.79
CA ASP A 186 35.71 -21.64 -20.68
C ASP A 186 36.72 -22.17 -19.70
N PRO A 187 36.46 -23.37 -19.12
CA PRO A 187 37.46 -23.95 -18.19
C PRO A 187 38.84 -24.12 -18.83
N PRO A 188 39.92 -23.88 -18.07
CA PRO A 188 41.28 -23.73 -18.64
C PRO A 188 41.80 -24.95 -19.39
N ASP A 210 28.87 -24.51 -11.88
CA ASP A 210 27.81 -24.62 -12.88
C ASP A 210 27.45 -23.25 -13.46
N ASP A 211 27.97 -22.95 -14.65
CA ASP A 211 27.74 -21.67 -15.31
C ASP A 211 26.61 -21.71 -16.33
N SER A 212 25.76 -22.72 -16.29
CA SER A 212 24.70 -22.84 -17.29
C SER A 212 23.66 -21.70 -17.27
N THR A 213 23.50 -21.00 -16.14
CA THR A 213 22.54 -19.90 -16.06
C THR A 213 23.21 -18.53 -16.06
N TRP A 214 24.54 -18.48 -16.26
CA TRP A 214 25.27 -17.25 -16.12
C TRP A 214 25.06 -16.25 -17.26
N TRP A 215 24.82 -16.76 -18.47
CA TRP A 215 24.89 -15.96 -19.68
C TRP A 215 23.47 -15.91 -20.28
N GLU A 216 23.33 -16.07 -21.59
CA GLU A 216 22.00 -16.08 -22.23
C GLU A 216 21.06 -17.03 -21.54
N GLU A 217 19.82 -16.59 -21.29
CA GLU A 217 18.75 -17.46 -20.80
C GLU A 217 17.52 -17.25 -21.64
N SER A 218 16.84 -18.34 -21.98
CA SER A 218 15.62 -18.26 -22.78
C SER A 218 14.44 -18.65 -21.93
N PHE A 219 13.34 -17.91 -22.10
CA PHE A 219 12.08 -18.22 -21.48
C PHE A 219 10.98 -17.44 -22.17
N GLY A 220 9.83 -18.08 -22.37
CA GLY A 220 8.64 -17.37 -22.83
C GLY A 220 8.77 -16.78 -24.22
N GLY A 221 9.57 -17.40 -25.08
CA GLY A 221 9.77 -16.95 -26.45
C GLY A 221 10.80 -15.86 -26.61
N ASN A 222 11.65 -15.67 -25.60
CA ASN A 222 12.61 -14.57 -25.59
C ASN A 222 13.91 -15.09 -25.02
N THR A 223 15.01 -14.62 -25.61
CA THR A 223 16.34 -14.86 -25.06
C THR A 223 16.92 -13.56 -24.54
N ASP A 224 17.24 -13.57 -23.24
CA ASP A 224 17.88 -12.49 -22.56
C ASP A 224 19.37 -12.59 -22.90
N SER A 225 19.91 -11.53 -23.52
CA SER A 225 21.29 -11.50 -23.96
C SER A 225 22.23 -11.37 -22.79
N LYS A 226 21.70 -10.91 -21.65
CA LYS A 226 22.46 -10.89 -20.39
C LYS A 226 23.88 -10.29 -20.53
N PRO A 227 23.99 -9.03 -21.00
CA PRO A 227 25.34 -8.51 -21.29
C PRO A 227 26.28 -8.34 -20.10
N ARG A 228 25.75 -8.29 -18.88
CA ARG A 228 26.60 -8.20 -17.67
C ARG A 228 27.03 -9.51 -17.05
N GLY A 229 26.38 -10.61 -17.43
CA GLY A 229 26.46 -11.84 -16.71
C GLY A 229 25.85 -11.80 -15.31
N PRO A 230 26.28 -12.73 -14.45
CA PRO A 230 25.74 -12.77 -13.07
C PRO A 230 26.02 -11.53 -12.27
N GLU A 231 25.01 -11.05 -11.53
CA GLU A 231 25.22 -9.85 -10.72
C GLU A 231 24.22 -9.74 -9.56
N SER A 232 23.68 -10.87 -9.15
CA SER A 232 22.66 -10.83 -8.11
C SER A 232 23.26 -10.48 -6.74
N VAL A 233 22.40 -10.03 -5.85
CA VAL A 233 22.74 -9.63 -4.49
C VAL A 233 21.73 -10.30 -3.55
N GLY A 234 22.23 -10.98 -2.54
CA GLY A 234 21.37 -11.68 -1.57
C GLY A 234 21.95 -11.74 -0.21
N LEU A 235 21.05 -11.98 0.76
CA LEU A 235 21.43 -11.93 2.18
C LEU A 235 20.39 -12.68 3.00
N ASP A 236 20.84 -13.38 4.05
CA ASP A 236 19.93 -13.89 5.08
C ASP A 236 19.71 -12.84 6.16
N ILE A 237 18.45 -12.64 6.52
CA ILE A 237 18.05 -11.70 7.53
C ILE A 237 17.19 -12.48 8.51
N SER A 238 17.69 -12.60 9.75
CA SER A 238 17.05 -13.41 10.78
C SER A 238 16.32 -12.52 11.77
N PHE A 239 15.07 -12.88 12.06
CA PHE A 239 14.23 -12.19 13.03
C PHE A 239 14.17 -13.01 14.27
N VAL A 240 15.00 -12.63 15.26
CA VAL A 240 15.35 -13.51 16.38
C VAL A 240 14.22 -13.50 17.40
N GLY A 241 13.66 -14.67 17.66
CA GLY A 241 12.54 -14.78 18.57
C GLY A 241 11.20 -14.33 18.05
N TYR A 242 11.07 -14.16 16.74
CA TYR A 242 9.79 -13.84 16.05
C TYR A 242 9.30 -15.04 15.29
N GLU A 243 8.01 -15.30 15.38
CA GLU A 243 7.35 -16.40 14.70
C GLU A 243 6.44 -15.93 13.58
N HIS A 244 6.25 -14.61 13.45
CA HIS A 244 5.34 -14.06 12.45
C HIS A 244 6.00 -12.92 11.72
N VAL A 245 5.98 -12.98 10.38
CA VAL A 245 6.47 -11.87 9.55
C VAL A 245 5.35 -11.47 8.57
N PHE A 246 5.43 -10.22 8.14
CA PHE A 246 4.35 -9.60 7.40
C PHE A 246 4.92 -8.66 6.33
N GLY A 247 4.13 -8.39 5.28
CA GLY A 247 4.48 -7.42 4.27
C GLY A 247 4.78 -8.05 2.93
N ILE A 248 5.77 -7.48 2.23
CA ILE A 248 6.12 -7.78 0.84
C ILE A 248 4.90 -8.03 -0.07
N PRO A 249 3.90 -7.13 0.01
CA PRO A 249 2.82 -7.23 -1.02
C PRO A 249 3.38 -6.98 -2.43
N SER A 250 2.67 -7.39 -3.47
CA SER A 250 1.32 -7.93 -3.41
C SER A 250 1.30 -9.42 -3.69
N HIS A 251 0.61 -10.20 -2.86
CA HIS A 251 0.44 -11.63 -3.06
C HIS A 251 -0.91 -12.04 -2.58
N ALA A 252 -1.47 -13.03 -3.26
CA ALA A 252 -2.68 -13.74 -2.76
C ALA A 252 -2.24 -14.72 -1.69
N SER A 253 -2.09 -14.19 -0.47
CA SER A 253 -1.45 -14.91 0.61
C SER A 253 -1.97 -14.33 1.93
N PRO A 254 -1.83 -15.08 3.05
CA PRO A 254 -2.23 -14.50 4.30
C PRO A 254 -1.36 -13.31 4.68
N LEU A 255 -1.87 -12.51 5.58
CA LEU A 255 -1.14 -11.35 6.10
C LEU A 255 0.10 -11.81 6.84
N SER A 256 0.00 -12.83 7.69
CA SER A 256 1.18 -13.48 8.28
C SER A 256 1.72 -14.45 7.21
N LEU A 257 2.90 -14.12 6.69
CA LEU A 257 3.42 -14.78 5.53
C LEU A 257 3.77 -16.24 5.82
N LYS A 258 3.67 -17.08 4.81
CA LYS A 258 3.99 -18.49 4.96
C LYS A 258 5.46 -18.78 4.77
N GLN A 259 5.87 -19.95 5.25
CA GLN A 259 7.18 -20.48 4.91
C GLN A 259 7.16 -20.95 3.46
N THR A 260 8.34 -21.05 2.87
CA THR A 260 8.50 -21.24 1.43
C THR A 260 9.38 -22.42 1.03
N ARG A 261 9.87 -23.18 2.05
CA ARG A 261 10.74 -24.32 1.81
C ARG A 261 10.05 -25.61 2.21
N GLY A 262 8.73 -25.64 2.09
CA GLY A 262 8.00 -26.88 2.31
C GLY A 262 7.40 -27.01 3.69
N GLY A 263 6.65 -28.08 3.87
CA GLY A 263 5.90 -28.32 5.09
C GLY A 263 4.42 -28.19 4.84
N GLU A 264 3.63 -28.80 5.71
CA GLU A 264 2.19 -28.79 5.62
C GLU A 264 1.66 -27.37 5.72
N GLY A 265 0.89 -26.98 4.70
CA GLY A 265 0.30 -25.64 4.71
C GLY A 265 1.23 -24.56 4.19
N ASN A 266 2.46 -24.91 3.83
CA ASN A 266 3.46 -23.93 3.45
C ASN A 266 3.67 -23.97 1.94
N TYR A 267 4.42 -23.01 1.42
CA TYR A 267 4.79 -23.02 -0.01
C TYR A 267 6.09 -23.75 -0.22
N ASN A 268 6.41 -24.02 -1.47
CA ASN A 268 7.66 -24.66 -1.89
C ASN A 268 8.58 -23.76 -2.67
N GLU A 269 8.08 -22.54 -2.99
CA GLU A 269 8.83 -21.56 -3.79
CA GLU A 269 8.86 -21.59 -3.78
C GLU A 269 8.86 -20.28 -2.98
N PRO A 270 9.91 -19.48 -3.14
CA PRO A 270 9.96 -18.19 -2.43
C PRO A 270 8.85 -17.28 -2.90
N TYR A 271 8.49 -16.34 -2.02
CA TYR A 271 7.71 -15.18 -2.45
C TYR A 271 8.45 -14.46 -3.58
N ARG A 272 7.73 -14.07 -4.62
CA ARG A 272 8.33 -13.39 -5.81
C ARG A 272 7.76 -11.98 -5.97
N MET A 273 8.65 -11.03 -6.23
CA MET A 273 8.28 -9.66 -6.61
C MET A 273 8.86 -9.34 -7.98
N TYR A 274 8.01 -9.43 -8.98
CA TYR A 274 8.38 -9.10 -10.36
C TYR A 274 7.13 -8.69 -11.10
N ASN A 275 6.81 -7.40 -10.99
CA ASN A 275 5.49 -6.91 -11.37
C ASN A 275 5.06 -7.47 -12.71
N ALA A 276 3.90 -8.14 -12.74
CA ALA A 276 3.53 -8.91 -13.95
C ALA A 276 2.04 -8.95 -14.10
N ASP A 277 1.61 -9.12 -15.36
CA ASP A 277 0.20 -9.18 -15.71
C ASP A 277 -0.24 -10.64 -15.63
N VAL A 278 -0.77 -11.02 -14.47
CA VAL A 278 -1.02 -12.44 -14.17
C VAL A 278 -2.53 -12.72 -14.29
N PHE A 279 -2.92 -12.97 -15.52
CA PHE A 279 -4.21 -13.59 -15.93
C PHE A 279 -4.71 -14.76 -15.05
N GLU A 280 -5.91 -14.58 -14.53
CA GLU A 280 -6.57 -15.54 -13.64
C GLU A 280 -5.65 -16.00 -12.52
N TYR A 281 -5.10 -15.03 -11.81
CA TYR A 281 -4.19 -15.35 -10.70
C TYR A 281 -4.92 -16.17 -9.67
N ILE A 282 -4.19 -17.12 -9.09
CA ILE A 282 -4.74 -18.11 -8.13
C ILE A 282 -4.65 -17.60 -6.69
N LEU A 283 -5.45 -18.19 -5.83
CA LEU A 283 -5.38 -17.93 -4.40
C LEU A 283 -4.22 -18.68 -3.75
N ASP A 284 -3.76 -18.16 -2.63
CA ASP A 284 -2.81 -18.84 -1.73
C ASP A 284 -1.55 -19.29 -2.46
N SER A 285 -0.81 -18.30 -2.94
CA SER A 285 0.35 -18.55 -3.77
C SER A 285 1.41 -17.48 -3.51
N PRO A 286 2.70 -17.90 -3.55
CA PRO A 286 3.79 -16.95 -3.55
C PRO A 286 4.12 -16.32 -4.90
N MET A 287 3.35 -16.62 -5.95
CA MET A 287 3.62 -16.09 -7.27
C MET A 287 3.49 -14.59 -7.22
N THR A 288 4.27 -13.91 -8.04
CA THR A 288 4.18 -12.45 -8.13
C THR A 288 2.81 -12.04 -8.65
N LEU A 289 2.40 -10.82 -8.26
CA LEU A 289 1.27 -10.15 -8.88
C LEU A 289 1.80 -8.87 -9.50
N TYR A 290 1.03 -7.79 -9.46
CA TYR A 290 1.24 -6.61 -10.32
C TYR A 290 2.16 -5.55 -9.72
N GLY A 291 2.27 -5.50 -8.39
CA GLY A 291 3.05 -4.51 -7.68
C GLY A 291 3.84 -5.18 -6.56
N SER A 292 4.87 -4.50 -6.09
CA SER A 292 5.87 -5.04 -5.18
C SER A 292 6.33 -3.97 -4.22
N ILE A 293 6.24 -4.22 -2.92
CA ILE A 293 6.85 -3.36 -1.92
C ILE A 293 7.73 -4.20 -1.01
N PRO A 294 9.06 -4.15 -1.19
CA PRO A 294 9.98 -5.07 -0.48
C PRO A 294 10.29 -4.66 0.95
N PHE A 295 9.24 -4.65 1.76
CA PHE A 295 9.22 -4.15 3.15
C PHE A 295 8.58 -5.27 3.98
N MET A 296 9.33 -5.76 5.00
CA MET A 296 8.90 -6.84 5.86
C MET A 296 8.99 -6.43 7.31
N GLN A 297 7.96 -6.77 8.09
CA GLN A 297 7.96 -6.57 9.53
C GLN A 297 7.87 -7.91 10.24
N ALA A 298 8.43 -7.95 11.46
CA ALA A 298 8.25 -9.08 12.37
C ALA A 298 7.65 -8.54 13.64
N HIS A 299 6.62 -9.23 14.13
CA HIS A 299 5.86 -8.81 15.33
C HIS A 299 5.71 -10.00 16.28
N ARG A 300 5.98 -9.74 17.56
CA ARG A 300 5.53 -10.60 18.65
C ARG A 300 4.93 -9.72 19.75
N LYS A 301 4.43 -10.35 20.81
CA LYS A 301 3.93 -9.57 21.92
C LYS A 301 4.90 -8.49 22.36
N ASP A 302 4.44 -7.24 22.29
CA ASP A 302 5.19 -6.06 22.72
C ASP A 302 6.59 -5.87 22.12
N SER A 303 6.81 -6.39 20.92
CA SER A 303 8.09 -6.16 20.25
C SER A 303 7.92 -6.26 18.75
N SER A 304 8.38 -5.24 18.04
CA SER A 304 8.28 -5.17 16.57
C SER A 304 9.59 -4.68 15.96
N VAL A 305 9.95 -5.25 14.82
CA VAL A 305 11.09 -4.79 14.02
C VAL A 305 10.77 -4.94 12.55
N GLY A 306 11.67 -4.51 11.67
CA GLY A 306 11.40 -4.59 10.25
C GLY A 306 12.61 -4.24 9.41
N ILE A 307 12.54 -4.61 8.13
CA ILE A 307 13.55 -4.21 7.16
C ILE A 307 12.90 -3.74 5.87
N PHE A 308 13.58 -2.85 5.15
CA PHE A 308 13.15 -2.43 3.83
C PHE A 308 14.32 -2.64 2.89
N TRP A 309 14.12 -3.52 1.91
CA TRP A 309 15.12 -3.97 0.92
C TRP A 309 14.95 -3.10 -0.29
N LEU A 310 15.75 -2.03 -0.38
CA LEU A 310 15.61 -1.03 -1.40
C LEU A 310 16.28 -1.48 -2.69
N ASN A 311 15.53 -2.24 -3.49
CA ASN A 311 16.07 -2.85 -4.71
C ASN A 311 14.89 -2.96 -5.66
N ALA A 312 15.09 -2.53 -6.91
CA ALA A 312 14.01 -2.42 -7.93
C ALA A 312 13.99 -3.56 -8.96
N ALA A 313 14.94 -4.48 -8.82
CA ALA A 313 15.06 -5.63 -9.72
C ALA A 313 14.21 -6.78 -9.22
N GLU A 314 14.05 -7.78 -10.07
CA GLU A 314 13.37 -9.01 -9.65
C GLU A 314 13.90 -9.52 -8.31
N THR A 315 12.99 -9.79 -7.34
CA THR A 315 13.41 -10.10 -5.98
C THR A 315 12.59 -11.29 -5.52
N TRP A 316 13.27 -12.24 -4.89
CA TRP A 316 12.63 -13.37 -4.24
C TRP A 316 12.97 -13.40 -2.75
N VAL A 317 12.02 -13.91 -1.95
CA VAL A 317 12.22 -14.01 -0.52
C VAL A 317 11.77 -15.41 -0.04
N ASP A 318 12.74 -16.16 0.48
CA ASP A 318 12.49 -17.42 1.14
C ASP A 318 12.29 -17.17 2.65
N ILE A 319 11.42 -17.98 3.27
CA ILE A 319 11.05 -17.82 4.67
C ILE A 319 11.02 -19.22 5.30
N THR A 320 11.79 -19.40 6.38
CA THR A 320 11.63 -20.61 7.20
C THR A 320 11.51 -20.23 8.67
N LYS A 321 10.96 -21.12 9.47
CA LYS A 321 10.84 -20.89 10.90
C LYS A 321 11.26 -22.13 11.64
N GLY A 322 12.01 -21.95 12.71
CA GLY A 322 12.30 -23.06 13.59
C GLY A 322 13.17 -22.59 14.73
N LYS A 323 13.71 -23.57 15.43
CA LYS A 323 14.68 -23.25 16.49
C LYS A 323 15.93 -22.63 15.92
N ASP A 324 16.76 -22.05 16.79
CA ASP A 324 17.94 -21.30 16.35
C ASP A 324 19.12 -22.17 15.93
N SER A 325 19.02 -23.46 16.16
CA SER A 325 20.07 -24.42 15.89
C SER A 325 20.15 -24.72 14.40
N LYS A 326 21.32 -25.16 13.97
CA LYS A 326 21.56 -25.40 12.56
C LYS A 326 20.59 -26.43 11.99
N ASN A 327 20.25 -27.45 12.77
CA ASN A 327 19.06 -28.24 12.53
C ASN A 327 17.94 -27.61 13.32
N PRO A 328 16.95 -26.99 12.64
CA PRO A 328 15.95 -26.22 13.37
C PRO A 328 14.92 -27.08 14.07
N LEU A 329 15.01 -28.39 13.89
CA LEU A 329 14.18 -29.38 14.59
C LEU A 329 14.94 -30.22 15.64
N ALA A 330 16.13 -29.76 15.99
CA ALA A 330 16.98 -30.46 16.95
C ALA A 330 16.37 -30.53 18.34
N LEU A 331 16.70 -31.60 19.05
CA LEU A 331 16.50 -31.67 20.51
C LEU A 331 17.71 -31.08 21.21
N GLY A 332 17.56 -30.83 22.49
CA GLY A 332 18.69 -30.39 23.31
C GLY A 332 18.90 -28.89 23.32
N VAL A 333 17.98 -28.17 22.70
CA VAL A 333 18.15 -26.73 22.51
C VAL A 333 16.91 -25.98 22.97
N LYS A 334 17.06 -24.67 23.15
CA LYS A 334 15.94 -23.81 23.53
C LYS A 334 14.86 -23.87 22.43
N SER A 335 13.60 -23.77 22.84
CA SER A 335 12.48 -23.86 21.90
C SER A 335 12.23 -22.58 21.10
N LYS A 336 12.83 -21.46 21.50
CA LYS A 336 12.45 -20.16 20.96
C LYS A 336 12.61 -20.12 19.45
N ILE A 337 11.57 -19.69 18.74
CA ILE A 337 11.60 -19.68 17.27
C ILE A 337 12.28 -18.41 16.70
N THR A 338 13.10 -18.60 15.68
CA THR A 338 13.61 -17.56 14.86
C THR A 338 13.07 -17.76 13.45
N THR A 339 12.65 -16.66 12.85
CA THR A 339 12.28 -16.69 11.44
C THR A 339 13.47 -16.28 10.59
N ARG A 340 13.84 -17.18 9.71
CA ARG A 340 14.95 -17.01 8.75
C ARG A 340 14.42 -16.57 7.41
N THR A 341 14.90 -15.43 6.91
CA THR A 341 14.49 -14.96 5.60
C THR A 341 15.71 -14.79 4.72
N HIS A 342 15.54 -15.11 3.46
CA HIS A 342 16.65 -15.12 2.50
C HIS A 342 16.20 -14.31 1.29
N TRP A 343 16.73 -13.11 1.17
CA TRP A 343 16.36 -12.15 0.14
C TRP A 343 17.39 -12.19 -0.99
N PHE A 344 16.94 -12.16 -2.25
CA PHE A 344 17.88 -11.99 -3.35
C PHE A 344 17.26 -11.31 -4.56
N SER A 345 18.03 -10.39 -5.15
CA SER A 345 17.58 -9.55 -6.24
C SER A 345 18.54 -9.69 -7.38
N GLU A 346 18.00 -9.55 -8.59
CA GLU A 346 18.80 -9.84 -9.77
C GLU A 346 20.00 -8.96 -9.98
N SER A 347 19.90 -7.68 -9.64
CA SER A 347 20.95 -6.71 -9.90
C SER A 347 20.84 -5.56 -8.91
N GLY A 348 21.67 -4.55 -9.07
CA GLY A 348 21.65 -3.36 -8.22
C GLY A 348 22.49 -3.48 -6.95
N LEU A 349 22.24 -2.58 -6.02
CA LEU A 349 22.97 -2.58 -4.74
C LEU A 349 22.30 -3.51 -3.77
N LEU A 350 23.07 -4.04 -2.83
CA LEU A 350 22.50 -4.55 -1.59
C LEU A 350 22.29 -3.33 -0.71
N ASP A 351 21.02 -3.04 -0.40
CA ASP A 351 20.70 -1.75 0.21
C ASP A 351 19.50 -1.97 1.12
N VAL A 352 19.73 -1.92 2.42
CA VAL A 352 18.70 -2.38 3.39
CA VAL A 352 18.69 -2.35 3.36
C VAL A 352 18.56 -1.39 4.54
N PHE A 353 17.32 -1.02 4.87
CA PHE A 353 17.03 -0.22 6.02
C PHE A 353 16.52 -1.10 7.12
N VAL A 354 16.97 -0.85 8.34
CA VAL A 354 16.62 -1.64 9.52
C VAL A 354 15.87 -0.80 10.57
N PHE A 355 14.67 -1.25 10.90
CA PHE A 355 13.76 -0.55 11.81
C PHE A 355 13.62 -1.32 13.09
N LEU A 356 13.81 -0.66 14.24
CA LEU A 356 13.77 -1.37 15.54
C LEU A 356 12.54 -1.01 16.39
N GLY A 357 11.59 -0.26 15.86
CA GLY A 357 10.29 -0.20 16.53
C GLY A 357 10.40 0.64 17.79
N PRO A 358 9.79 0.19 18.92
CA PRO A 358 9.42 -1.17 19.21
C PRO A 358 7.99 -1.55 18.87
N THR A 359 7.17 -0.62 18.37
CA THR A 359 5.77 -0.94 18.02
C THR A 359 5.55 -0.93 16.53
N PRO A 360 4.45 -1.57 16.08
CA PRO A 360 4.14 -1.55 14.67
C PRO A 360 3.94 -0.13 14.14
N LYS A 361 3.29 0.70 14.94
CA LYS A 361 3.08 2.10 14.54
C LYS A 361 4.41 2.81 14.31
N ASP A 362 5.38 2.57 15.20
CA ASP A 362 6.72 3.17 15.07
C ASP A 362 7.35 2.78 13.74
N ILE A 363 7.31 1.49 13.44
CA ILE A 363 7.98 0.98 12.24
C ILE A 363 7.40 1.60 10.96
N ILE A 364 6.07 1.57 10.87
CA ILE A 364 5.40 2.06 9.68
C ILE A 364 5.59 3.59 9.55
N SER A 365 5.52 4.31 10.67
CA SER A 365 5.80 5.76 10.63
C SER A 365 7.22 6.09 10.14
N LYS A 366 8.21 5.36 10.62
CA LYS A 366 9.57 5.56 10.15
C LYS A 366 9.72 5.20 8.67
N TYR A 367 9.10 4.10 8.28
CA TYR A 367 9.10 3.71 6.83
C TYR A 367 8.48 4.82 5.96
N ALA A 368 7.39 5.42 6.43
CA ALA A 368 6.69 6.46 5.68
C ALA A 368 7.50 7.77 5.64
N GLU A 369 8.27 8.03 6.69
CA GLU A 369 9.17 9.19 6.67
C GLU A 369 10.18 9.03 5.54
N LEU A 370 10.65 7.79 5.32
CA LEU A 370 11.65 7.50 4.26
C LEU A 370 11.02 7.56 2.86
N THR A 371 9.91 6.84 2.66
CA THR A 371 9.37 6.56 1.34
C THR A 371 8.16 7.38 0.99
N GLY A 372 7.66 8.15 1.96
CA GLY A 372 6.51 9.00 1.77
C GLY A 372 5.26 8.52 2.49
N THR A 373 4.44 9.50 2.85
CA THR A 373 3.14 9.22 3.43
C THR A 373 2.13 9.19 2.27
N THR A 374 0.92 8.77 2.58
CA THR A 374 -0.18 8.81 1.60
C THR A 374 -0.48 10.24 1.17
N ALA A 375 -0.57 10.48 -0.14
CA ALA A 375 -0.99 11.79 -0.66
C ALA A 375 -2.36 12.20 -0.12
N MET A 376 -2.60 13.49 0.10
CA MET A 376 -3.95 13.91 0.40
C MET A 376 -4.86 13.63 -0.83
N PRO A 377 -5.88 12.79 -0.64
CA PRO A 377 -6.72 12.37 -1.77
C PRO A 377 -7.71 13.44 -2.21
N GLN A 378 -8.12 13.40 -3.47
CA GLN A 378 -9.39 13.99 -3.83
C GLN A 378 -10.47 13.43 -2.93
N GLU A 379 -11.23 14.28 -2.26
CA GLU A 379 -12.30 13.79 -1.39
C GLU A 379 -13.26 12.81 -2.08
N PHE A 380 -13.65 13.14 -3.32
CA PHE A 380 -14.59 12.30 -4.07
C PHE A 380 -14.08 10.87 -4.22
N SER A 381 -12.76 10.67 -4.20
CA SER A 381 -12.18 9.35 -4.52
C SER A 381 -12.39 8.34 -3.42
N LEU A 382 -12.88 8.78 -2.25
CA LEU A 382 -13.36 7.89 -1.18
C LEU A 382 -14.80 7.42 -1.36
N GLY A 383 -15.47 7.98 -2.36
CA GLY A 383 -16.81 7.57 -2.70
C GLY A 383 -16.84 6.25 -3.40
N TYR A 384 -18.05 5.84 -3.83
CA TYR A 384 -18.20 4.64 -4.61
C TYR A 384 -17.96 4.90 -6.09
N HIS A 385 -17.11 4.05 -6.68
CA HIS A 385 -16.72 4.10 -8.09
C HIS A 385 -17.42 3.01 -8.85
N GLN A 386 -18.08 3.39 -9.95
CA GLN A 386 -18.82 2.47 -10.77
C GLN A 386 -18.09 2.25 -12.11
N CYS A 387 -17.70 1.01 -12.39
CA CYS A 387 -16.88 0.68 -13.55
C CYS A 387 -17.31 -0.66 -14.15
N ARG A 388 -17.03 -0.81 -15.45
CA ARG A 388 -16.98 -2.14 -16.07
C ARG A 388 -16.19 -2.01 -17.36
N TRP A 389 -15.85 -3.13 -17.94
CA TRP A 389 -15.26 -3.17 -19.27
C TRP A 389 -16.39 -3.63 -20.21
N ASN A 390 -17.13 -2.74 -20.89
CA ASN A 390 -17.00 -1.26 -20.94
C ASN A 390 -18.37 -0.68 -20.79
N TYR A 391 -18.48 0.56 -20.38
CA TYR A 391 -19.64 1.38 -20.83
C TYR A 391 -19.40 1.73 -22.28
N VAL A 392 -20.41 1.51 -23.13
CA VAL A 392 -20.18 1.33 -24.56
C VAL A 392 -20.42 2.62 -25.38
N SER A 393 -20.99 3.63 -24.76
CA SER A 393 -21.24 4.91 -25.38
C SER A 393 -21.45 5.99 -24.35
N ASP A 394 -21.44 7.25 -24.77
CA ASP A 394 -21.78 8.31 -23.87
C ASP A 394 -23.21 8.21 -23.37
N GLU A 395 -24.12 7.68 -24.20
CA GLU A 395 -25.48 7.46 -23.76
C GLU A 395 -25.60 6.34 -22.69
N ASP A 396 -24.80 5.30 -22.81
CA ASP A 396 -24.73 4.26 -21.78
C ASP A 396 -24.32 4.91 -20.44
N VAL A 397 -23.25 5.70 -20.46
CA VAL A 397 -22.82 6.35 -19.25
C VAL A 397 -23.93 7.19 -18.62
N LYS A 398 -24.61 8.00 -19.44
CA LYS A 398 -25.66 8.87 -18.92
C LYS A 398 -26.86 8.10 -18.40
N ASP A 399 -27.15 6.95 -18.99
CA ASP A 399 -28.23 6.11 -18.52
C ASP A 399 -27.92 5.48 -17.16
N VAL A 400 -26.71 4.94 -17.02
CA VAL A 400 -26.29 4.40 -15.72
C VAL A 400 -26.38 5.45 -14.60
N ASP A 401 -25.89 6.66 -14.90
CA ASP A 401 -25.97 7.76 -13.94
C ASP A 401 -27.42 7.98 -13.47
N ARG A 402 -28.34 8.05 -14.42
CA ARG A 402 -29.76 8.22 -14.08
C ARG A 402 -30.31 7.06 -13.29
N LYS A 403 -29.97 5.86 -13.66
CA LYS A 403 -30.47 4.67 -12.97
C LYS A 403 -29.99 4.59 -11.54
N MET A 404 -28.74 4.95 -11.29
CA MET A 404 -28.29 4.94 -9.92
C MET A 404 -29.16 5.88 -9.06
N ASP A 405 -29.45 7.07 -9.56
CA ASP A 405 -30.33 8.00 -8.84
C ASP A 405 -31.75 7.45 -8.70
N LYS A 406 -32.29 6.85 -9.74
CA LYS A 406 -33.64 6.25 -9.62
C LYS A 406 -33.70 5.20 -8.52
N PHE A 407 -32.62 4.44 -8.31
CA PHE A 407 -32.59 3.41 -7.28
C PHE A 407 -31.96 3.79 -5.94
N ASN A 408 -31.73 5.09 -5.76
CA ASN A 408 -31.24 5.68 -4.53
C ASN A 408 -29.97 4.97 -4.10
N MET A 409 -29.09 4.79 -5.08
CA MET A 409 -27.76 4.24 -4.86
C MET A 409 -26.73 5.33 -5.12
N PRO A 410 -26.13 5.87 -4.04
CA PRO A 410 -25.21 6.98 -4.19
C PRO A 410 -23.90 6.50 -4.83
N TYR A 411 -23.29 7.36 -5.61
CA TYR A 411 -21.98 7.08 -6.21
C TYR A 411 -21.33 8.37 -6.66
N ASP A 412 -20.00 8.33 -6.78
CA ASP A 412 -19.22 9.54 -7.04
C ASP A 412 -18.63 9.60 -8.44
N VAL A 413 -18.27 8.45 -8.99
CA VAL A 413 -17.48 8.41 -10.22
C VAL A 413 -17.96 7.27 -11.14
N ILE A 414 -18.04 7.55 -12.45
CA ILE A 414 -18.21 6.54 -13.46
C ILE A 414 -16.94 6.44 -14.31
N TRP A 415 -16.58 5.22 -14.69
CA TRP A 415 -15.29 4.90 -15.27
C TRP A 415 -15.46 4.42 -16.72
N LEU A 416 -14.55 4.85 -17.59
CA LEU A 416 -14.42 4.37 -18.93
C LEU A 416 -13.12 3.59 -19.16
N ASP A 417 -13.32 2.29 -19.41
CA ASP A 417 -12.30 1.38 -19.85
C ASP A 417 -11.97 1.57 -21.34
N ILE A 418 -11.10 0.71 -21.88
CA ILE A 418 -10.34 0.96 -23.12
C ILE A 418 -11.21 1.12 -24.37
N GLU A 419 -12.46 0.67 -24.31
CA GLU A 419 -13.31 0.78 -25.51
C GLU A 419 -13.78 2.19 -25.80
N TYR A 420 -13.53 3.15 -24.93
CA TYR A 420 -13.87 4.55 -25.24
C TYR A 420 -12.95 5.18 -26.27
N THR A 421 -11.77 4.61 -26.47
CA THR A 421 -10.74 5.18 -27.31
C THR A 421 -11.07 4.91 -28.78
N ASP A 422 -10.44 5.70 -29.66
CA ASP A 422 -10.44 5.40 -31.10
C ASP A 422 -9.38 4.36 -31.41
N GLU A 423 -9.83 3.13 -31.56
CA GLU A 423 -8.96 2.00 -31.90
C GLU A 423 -7.73 1.90 -31.00
N LYS A 424 -7.94 2.13 -29.71
CA LYS A 424 -6.90 1.94 -28.69
C LYS A 424 -5.76 2.94 -28.83
N LYS A 425 -6.03 4.09 -29.44
CA LYS A 425 -5.13 5.22 -29.40
C LYS A 425 -5.44 6.07 -28.17
N TYR A 426 -4.51 6.17 -27.22
CA TYR A 426 -4.81 7.00 -26.04
C TYR A 426 -4.80 8.47 -26.48
N PHE A 427 -5.58 9.26 -25.76
CA PHE A 427 -5.80 10.68 -26.02
C PHE A 427 -6.75 10.90 -27.19
N THR A 428 -7.49 9.85 -27.56
CA THR A 428 -8.61 9.96 -28.49
C THR A 428 -9.91 9.40 -27.90
N TRP A 429 -11.02 9.69 -28.61
CA TRP A 429 -12.33 9.11 -28.33
C TRP A 429 -12.85 8.41 -29.57
N ASP A 430 -13.53 7.29 -29.39
CA ASP A 430 -14.30 6.66 -30.49
C ASP A 430 -15.45 7.57 -30.86
N LYS A 431 -15.39 8.21 -32.01
CA LYS A 431 -16.42 9.21 -32.31
C LYS A 431 -17.76 8.58 -32.74
N HIS A 432 -17.78 7.31 -33.16
CA HIS A 432 -19.05 6.60 -33.40
C HIS A 432 -19.84 6.47 -32.11
N SER A 433 -19.16 6.14 -31.01
CA SER A 433 -19.84 5.80 -29.75
C SER A 433 -19.78 6.87 -28.68
N PHE A 434 -18.74 7.69 -28.69
CA PHE A 434 -18.63 8.78 -27.73
C PHE A 434 -18.62 10.11 -28.49
N LYS A 435 -19.83 10.53 -28.84
CA LYS A 435 -20.04 11.68 -29.70
C LYS A 435 -19.92 12.98 -28.95
N ASP A 436 -20.35 12.99 -27.70
CA ASP A 436 -20.38 14.21 -26.94
C ASP A 436 -19.81 13.97 -25.51
N PRO A 437 -18.51 13.74 -25.42
CA PRO A 437 -17.96 13.50 -24.06
C PRO A 437 -18.03 14.70 -23.11
N ILE A 438 -18.03 15.92 -23.63
CA ILE A 438 -18.24 17.08 -22.76
C ILE A 438 -19.63 17.13 -22.15
N GLY A 439 -20.65 16.84 -22.95
CA GLY A 439 -22.01 16.78 -22.46
C GLY A 439 -22.17 15.73 -21.37
N MET A 440 -21.54 14.58 -21.58
CA MET A 440 -21.49 13.50 -20.59
C MET A 440 -20.82 13.98 -19.28
N GLY A 441 -19.66 14.60 -19.41
CA GLY A 441 -18.99 15.24 -18.29
C GLY A 441 -19.84 16.25 -17.54
N LYS A 442 -20.58 17.09 -18.29
CA LYS A 442 -21.45 18.07 -17.66
C LYS A 442 -22.65 17.45 -16.93
N GLN A 443 -23.20 16.37 -17.47
CA GLN A 443 -24.28 15.71 -16.76
C GLN A 443 -23.80 15.22 -15.41
N LEU A 444 -22.63 14.62 -15.40
CA LEU A 444 -22.06 14.15 -14.11
C LEU A 444 -21.81 15.31 -13.17
N GLU A 445 -21.26 16.40 -13.69
CA GLU A 445 -21.05 17.61 -12.89
C GLU A 445 -22.30 18.16 -12.18
N ALA A 446 -23.49 17.93 -12.72
CA ALA A 446 -24.73 18.40 -12.11
C ALA A 446 -24.98 17.81 -10.74
N HIS A 447 -24.47 16.60 -10.49
CA HIS A 447 -24.39 16.04 -9.12
C HIS A 447 -23.01 16.02 -8.47
N GLY A 448 -22.09 16.78 -9.01
CA GLY A 448 -20.75 16.81 -8.45
C GLY A 448 -19.97 15.52 -8.67
N ARG A 449 -20.35 14.75 -9.68
CA ARG A 449 -19.72 13.46 -9.96
C ARG A 449 -18.61 13.62 -10.96
N LYS A 450 -17.77 12.59 -11.04
CA LYS A 450 -16.55 12.61 -11.81
C LYS A 450 -16.59 11.52 -12.86
N LEU A 451 -15.73 11.66 -13.86
CA LEU A 451 -15.45 10.67 -14.88
C LEU A 451 -14.01 10.23 -14.72
N VAL A 452 -13.74 8.93 -14.76
CA VAL A 452 -12.35 8.47 -14.91
C VAL A 452 -12.16 7.79 -16.26
N THR A 453 -11.09 8.15 -16.99
CA THR A 453 -10.75 7.56 -18.28
C THR A 453 -9.41 6.82 -18.19
N ILE A 454 -9.36 5.61 -18.72
CA ILE A 454 -8.14 4.83 -18.78
C ILE A 454 -7.13 5.39 -19.79
N ILE A 455 -5.85 5.39 -19.41
CA ILE A 455 -4.74 5.73 -20.27
C ILE A 455 -3.59 4.81 -19.88
N ASP A 456 -3.06 4.03 -20.83
CA ASP A 456 -2.03 3.04 -20.59
C ASP A 456 -0.72 3.52 -21.26
N PRO A 457 0.42 2.87 -20.94
CA PRO A 457 1.72 3.38 -21.43
C PRO A 457 2.12 2.93 -22.84
N HIS A 458 1.34 2.04 -23.44
CA HIS A 458 1.56 1.57 -24.81
C HIS A 458 0.87 2.50 -25.79
N ILE A 459 1.66 2.96 -26.76
CA ILE A 459 1.24 4.00 -27.68
C ILE A 459 1.24 3.35 -29.08
N LYS A 460 0.08 3.34 -29.73
CA LYS A 460 -0.12 2.59 -30.98
C LYS A 460 0.83 3.06 -32.06
N ASN A 461 1.49 2.09 -32.68
CA ASN A 461 2.41 2.31 -33.81
C ASN A 461 1.58 2.29 -35.08
N THR A 462 1.10 3.46 -35.46
CA THR A 462 0.23 3.60 -36.65
C THR A 462 0.42 4.98 -37.26
N ASN A 463 -0.17 5.16 -38.46
CA ASN A 463 -0.09 6.46 -39.14
C ASN A 463 -1.11 7.44 -38.62
N ASN A 464 -0.89 8.71 -38.95
CA ASN A 464 -1.86 9.77 -38.65
C ASN A 464 -2.20 9.85 -37.15
N TYR A 465 -1.18 9.69 -36.33
CA TYR A 465 -1.34 9.71 -34.87
C TYR A 465 -0.19 10.49 -34.23
N PRO A 466 -0.42 11.80 -33.97
CA PRO A 466 0.67 12.67 -33.53
C PRO A 466 1.35 12.25 -32.20
N VAL A 467 0.60 11.55 -31.36
CA VAL A 467 1.17 11.10 -30.09
C VAL A 467 2.35 10.17 -30.33
N VAL A 468 2.23 9.18 -31.23
CA VAL A 468 3.32 8.28 -31.49
C VAL A 468 4.45 8.96 -32.26
N ASP A 469 4.09 9.86 -33.18
CA ASP A 469 5.09 10.65 -33.91
C ASP A 469 6.02 11.38 -32.93
N GLU A 470 5.44 12.04 -31.93
CA GLU A 470 6.20 12.79 -30.94
C GLU A 470 6.98 11.87 -30.00
N LEU A 471 6.36 10.76 -29.59
CA LEU A 471 7.06 9.80 -28.74
C LEU A 471 8.37 9.40 -29.43
N LYS A 472 8.27 9.09 -30.71
CA LYS A 472 9.43 8.63 -31.49
C LYS A 472 10.44 9.75 -31.77
N SER A 473 9.97 10.88 -32.27
CA SER A 473 10.90 11.95 -32.67
C SER A 473 11.63 12.56 -31.48
N LYS A 474 10.96 12.59 -30.31
CA LYS A 474 11.56 13.15 -29.10
C LYS A 474 12.40 12.13 -28.30
N ASP A 475 12.44 10.89 -28.78
CA ASP A 475 13.24 9.80 -28.21
C ASP A 475 12.79 9.49 -26.79
N LEU A 476 11.47 9.32 -26.67
CA LEU A 476 10.82 9.14 -25.37
C LEU A 476 10.35 7.69 -25.09
N ALA A 477 10.70 6.77 -25.99
CA ALA A 477 10.24 5.38 -25.93
C ALA A 477 11.34 4.51 -25.34
N VAL A 478 10.90 3.42 -24.69
CA VAL A 478 11.83 2.43 -24.22
C VAL A 478 12.54 1.81 -25.43
N LYS A 479 13.79 1.46 -25.22
CA LYS A 479 14.65 0.88 -26.26
C LYS A 479 14.96 -0.59 -26.03
N THR A 480 15.46 -1.24 -27.09
CA THR A 480 15.91 -2.61 -27.02
C THR A 480 17.37 -2.68 -26.58
N LYS A 481 17.87 -3.89 -26.46
CA LYS A 481 19.25 -4.16 -26.08
C LYS A 481 20.31 -3.45 -26.95
N ASP A 482 19.96 -3.10 -28.17
CA ASP A 482 20.95 -2.47 -29.05
C ASP A 482 20.66 -0.99 -29.30
N GLY A 483 19.69 -0.42 -28.60
CA GLY A 483 19.43 1.01 -28.72
C GLY A 483 18.28 1.35 -29.68
N SER A 484 17.74 0.36 -30.37
CA SER A 484 16.57 0.53 -31.25
C SER A 484 15.35 0.83 -30.41
N ILE A 485 14.37 1.51 -30.99
CA ILE A 485 13.07 1.67 -30.29
C ILE A 485 12.40 0.30 -30.11
N PHE A 486 11.96 -0.01 -28.89
CA PHE A 486 11.25 -1.27 -28.63
C PHE A 486 9.86 -1.25 -29.23
N GLU A 487 9.49 -2.37 -29.80
CA GLU A 487 8.17 -2.56 -30.35
C GLU A 487 7.63 -3.86 -29.83
N GLY A 488 6.36 -3.86 -29.49
CA GLY A 488 5.70 -5.08 -29.10
C GLY A 488 4.22 -4.88 -29.12
N TRP A 489 3.47 -5.91 -28.73
CA TRP A 489 2.02 -5.90 -28.92
C TRP A 489 1.30 -5.71 -27.60
N CYS A 490 0.25 -4.90 -27.63
CA CYS A 490 -0.72 -4.84 -26.55
C CYS A 490 -2.09 -4.51 -27.18
N TRP A 491 -3.01 -3.84 -26.47
CA TRP A 491 -4.35 -3.59 -27.04
C TRP A 491 -4.37 -2.99 -28.42
N PRO A 492 -3.47 -2.04 -28.71
CA PRO A 492 -3.57 -1.42 -30.05
C PRO A 492 -2.96 -2.27 -31.16
N GLY A 493 -2.50 -3.48 -30.89
CA GLY A 493 -1.58 -4.13 -31.79
C GLY A 493 -0.18 -3.67 -31.53
N SER A 494 0.61 -3.60 -32.59
CA SER A 494 1.95 -3.07 -32.53
C SER A 494 1.98 -1.71 -31.86
N SER A 495 2.88 -1.57 -30.88
CA SER A 495 2.95 -0.41 -30.03
C SER A 495 4.37 -0.13 -29.59
N HIS A 496 4.60 1.09 -29.11
CA HIS A 496 5.81 1.44 -28.39
C HIS A 496 5.41 1.87 -26.99
N TRP A 497 6.39 1.93 -26.08
CA TRP A 497 6.11 2.23 -24.68
C TRP A 497 6.78 3.53 -24.24
N ILE A 498 6.03 4.41 -23.60
CA ILE A 498 6.68 5.57 -22.96
C ILE A 498 7.71 5.11 -21.90
N ASP A 499 8.91 5.69 -21.98
CA ASP A 499 9.93 5.49 -20.96
C ASP A 499 9.81 6.56 -19.90
N ALA A 500 8.98 6.32 -18.88
CA ALA A 500 8.73 7.37 -17.91
C ALA A 500 9.89 7.55 -16.92
N PHE A 501 10.93 6.74 -17.03
CA PHE A 501 12.17 7.04 -16.31
C PHE A 501 12.80 8.32 -16.85
N ASN A 502 12.50 8.65 -18.11
CA ASN A 502 13.09 9.85 -18.75
C ASN A 502 12.34 11.10 -18.27
N PRO A 503 13.01 12.07 -17.61
CA PRO A 503 12.27 13.25 -17.20
C PRO A 503 11.61 13.98 -18.36
N ALA A 504 12.24 13.97 -19.52
CA ALA A 504 11.66 14.60 -20.69
C ALA A 504 10.39 13.95 -21.11
N ALA A 505 10.31 12.62 -20.96
CA ALA A 505 9.07 11.90 -21.31
C ALA A 505 7.94 12.27 -20.32
N ARG A 506 8.29 12.41 -19.06
CA ARG A 506 7.30 12.86 -18.05
C ARG A 506 6.81 14.30 -18.35
N GLU A 507 7.72 15.16 -18.77
CA GLU A 507 7.33 16.54 -19.06
C GLU A 507 6.45 16.58 -20.33
N TRP A 508 6.83 15.79 -21.35
CA TRP A 508 5.99 15.66 -22.56
C TRP A 508 4.60 15.18 -22.19
N TRP A 509 4.53 14.16 -21.35
CA TRP A 509 3.26 13.56 -20.94
C TRP A 509 2.33 14.59 -20.30
N LYS A 510 2.87 15.47 -19.45
CA LYS A 510 2.09 16.56 -18.86
C LYS A 510 1.32 17.33 -19.91
N GLY A 511 2.02 17.66 -20.99
CA GLY A 511 1.42 18.48 -22.03
C GLY A 511 0.21 17.86 -22.69
N LEU A 512 0.13 16.53 -22.67
CA LEU A 512 -0.95 15.84 -23.38
C LEU A 512 -2.30 15.90 -22.67
N PHE A 513 -2.26 16.18 -21.37
CA PHE A 513 -3.45 16.17 -20.53
C PHE A 513 -4.13 17.53 -20.40
N LYS A 514 -3.53 18.61 -20.90
CA LYS A 514 -4.20 19.91 -20.80
C LYS A 514 -5.58 19.80 -21.41
N TYR A 515 -6.57 20.45 -20.81
CA TYR A 515 -7.96 20.35 -21.30
C TYR A 515 -8.05 20.74 -22.79
N ASP A 516 -7.27 21.72 -23.21
CA ASP A 516 -7.33 22.15 -24.60
C ASP A 516 -6.55 21.23 -25.56
N LYS A 517 -5.78 20.26 -25.02
CA LYS A 517 -5.10 19.24 -25.84
C LYS A 517 -5.86 17.91 -25.85
N PHE A 518 -6.19 17.42 -24.67
CA PHE A 518 -6.94 16.16 -24.56
C PHE A 518 -8.42 16.51 -24.67
N LYS A 519 -8.87 16.68 -25.90
CA LYS A 519 -10.21 17.16 -26.13
C LYS A 519 -11.23 16.18 -25.60
N GLY A 520 -12.32 16.69 -25.06
CA GLY A 520 -13.36 15.86 -24.47
C GLY A 520 -13.24 15.65 -22.98
N THR A 521 -12.10 16.05 -22.41
CA THR A 521 -11.93 16.04 -20.97
C THR A 521 -12.12 17.42 -20.34
N MET A 522 -12.42 17.43 -19.06
CA MET A 522 -12.71 18.68 -18.37
C MET A 522 -12.38 18.50 -16.89
N GLU A 523 -12.82 19.43 -16.06
CA GLU A 523 -12.31 19.55 -14.70
C GLU A 523 -12.70 18.37 -13.80
N ASN A 524 -13.74 17.64 -14.16
CA ASN A 524 -14.13 16.42 -13.42
C ASN A 524 -13.62 15.11 -14.02
N THR A 525 -12.63 15.17 -14.91
CA THR A 525 -12.08 13.96 -15.55
C THR A 525 -10.77 13.63 -14.86
N PHE A 526 -10.68 12.40 -14.36
CA PHE A 526 -9.44 11.90 -13.72
C PHE A 526 -9.04 10.61 -14.43
N ILE A 527 -7.94 9.96 -14.03
CA ILE A 527 -7.23 9.02 -14.88
C ILE A 527 -6.97 7.69 -14.18
N TRP A 528 -7.11 6.59 -14.95
CA TRP A 528 -6.76 5.23 -14.53
C TRP A 528 -5.56 4.79 -15.36
N ASN A 529 -4.44 4.47 -14.71
CA ASN A 529 -3.28 3.90 -15.37
C ASN A 529 -3.27 2.40 -15.18
N ASP A 530 -3.26 1.66 -16.30
CA ASP A 530 -3.32 0.19 -16.29
C ASP A 530 -2.19 -0.37 -17.14
N MET A 531 -1.98 -1.69 -17.08
CA MET A 531 -1.01 -2.38 -17.95
C MET A 531 0.40 -1.81 -17.83
N ASN A 532 0.72 -1.29 -16.65
CA ASN A 532 1.97 -0.52 -16.49
C ASN A 532 3.06 -1.32 -15.82
N GLU A 533 2.95 -2.63 -15.85
CA GLU A 533 4.01 -3.47 -15.28
C GLU A 533 5.40 -3.35 -15.93
N PRO A 534 5.54 -3.26 -17.26
CA PRO A 534 4.54 -3.11 -18.35
C PRO A 534 3.98 -4.44 -18.81
N SER A 535 2.73 -4.42 -19.27
CA SER A 535 2.18 -5.61 -19.87
C SER A 535 2.44 -5.60 -21.38
N VAL A 536 3.05 -6.66 -21.89
CA VAL A 536 3.47 -6.78 -23.29
C VAL A 536 2.98 -8.18 -23.74
N PHE A 537 1.96 -8.23 -24.62
CA PHE A 537 1.27 -9.48 -24.87
C PHE A 537 2.19 -10.56 -25.46
N ASN A 538 3.17 -10.15 -26.26
CA ASN A 538 4.07 -11.09 -26.88
C ASN A 538 5.44 -11.13 -26.24
N GLY A 539 5.55 -10.61 -25.03
CA GLY A 539 6.81 -10.62 -24.27
C GLY A 539 6.88 -11.77 -23.29
N PRO A 540 8.07 -12.03 -22.76
CA PRO A 540 8.28 -13.12 -21.82
C PRO A 540 7.60 -12.79 -20.49
N GLU A 541 6.82 -13.72 -19.99
CA GLU A 541 5.96 -13.47 -18.81
C GLU A 541 5.09 -12.21 -18.99
N VAL A 542 4.70 -11.93 -20.25
CA VAL A 542 3.82 -10.84 -20.58
C VAL A 542 4.43 -9.49 -20.21
N THR A 543 5.76 -9.41 -20.24
CA THR A 543 6.42 -8.15 -19.94
C THR A 543 7.59 -7.89 -20.90
N MET A 544 8.37 -6.85 -20.64
CA MET A 544 9.50 -6.54 -21.52
C MET A 544 10.67 -7.51 -21.33
N PRO A 545 11.45 -7.71 -22.39
CA PRO A 545 12.78 -8.30 -22.21
C PRO A 545 13.63 -7.61 -21.17
N LYS A 546 14.38 -8.42 -20.43
CA LYS A 546 15.22 -7.90 -19.37
C LYS A 546 16.35 -7.00 -19.88
N ASP A 547 16.74 -7.21 -21.13
CA ASP A 547 17.79 -6.42 -21.75
C ASP A 547 17.31 -5.25 -22.57
N ASN A 548 16.02 -4.91 -22.52
CA ASN A 548 15.62 -3.58 -22.91
C ASN A 548 16.45 -2.53 -22.17
N LEU A 549 16.58 -1.36 -22.79
CA LEU A 549 17.29 -0.22 -22.21
C LEU A 549 16.38 0.97 -21.92
N HIS A 550 16.56 1.55 -20.74
CA HIS A 550 15.85 2.74 -20.33
C HIS A 550 16.79 3.94 -20.29
N HIS A 551 16.20 5.12 -20.16
CA HIS A 551 16.92 6.35 -19.89
C HIS A 551 17.97 6.16 -18.82
N GLY A 552 19.17 6.69 -19.08
CA GLY A 552 20.34 6.40 -18.23
C GLY A 552 21.16 5.21 -18.65
N ASN A 553 20.67 4.48 -19.66
CA ASN A 553 21.26 3.21 -20.12
C ASN A 553 21.22 2.11 -19.09
N TRP A 554 20.22 2.16 -18.20
CA TRP A 554 19.96 1.04 -17.32
C TRP A 554 19.22 -0.06 -18.06
N GLU A 555 19.50 -1.31 -17.72
CA GLU A 555 18.74 -2.42 -18.28
C GLU A 555 17.38 -2.49 -17.61
N HIS A 556 16.41 -2.98 -18.36
CA HIS A 556 15.08 -3.24 -17.80
C HIS A 556 15.15 -4.11 -16.52
N ARG A 557 16.08 -5.09 -16.48
CA ARG A 557 16.27 -5.93 -15.27
C ARG A 557 16.57 -5.08 -14.04
N ASP A 558 17.26 -3.95 -14.24
CA ASP A 558 17.67 -3.13 -13.11
C ASP A 558 16.48 -2.43 -12.46
N VAL A 559 15.48 -2.04 -13.29
CA VAL A 559 14.46 -1.09 -12.88
C VAL A 559 13.03 -1.60 -12.95
N HIS A 560 12.85 -2.89 -13.26
CA HIS A 560 11.53 -3.40 -13.65
C HIS A 560 10.46 -3.05 -12.63
N ASN A 561 10.74 -3.26 -11.34
CA ASN A 561 9.68 -3.06 -10.34
C ASN A 561 9.33 -1.57 -10.11
N LEU A 562 10.16 -0.68 -10.61
CA LEU A 562 9.87 0.77 -10.58
C LEU A 562 9.02 1.23 -11.76
N ASN A 563 8.95 0.42 -12.83
CA ASN A 563 8.33 0.92 -14.08
C ASN A 563 6.92 1.47 -13.91
N GLY A 564 6.05 0.72 -13.22
CA GLY A 564 4.66 1.16 -13.00
C GLY A 564 4.60 2.48 -12.29
N MET A 565 5.41 2.60 -11.24
CA MET A 565 5.47 3.82 -10.44
C MET A 565 5.92 5.03 -11.26
N THR A 566 6.90 4.85 -12.16
CA THR A 566 7.32 5.97 -12.99
C THR A 566 6.18 6.49 -13.86
N PHE A 567 5.35 5.60 -14.33
CA PHE A 567 4.22 5.94 -15.18
C PHE A 567 3.09 6.62 -14.40
N GLN A 568 2.76 6.10 -13.22
CA GLN A 568 1.80 6.76 -12.35
C GLN A 568 2.31 8.15 -11.95
N ASN A 569 3.62 8.27 -11.73
CA ASN A 569 4.24 9.57 -11.42
C ASN A 569 4.03 10.55 -12.54
N ALA A 570 4.32 10.12 -13.76
CA ALA A 570 4.07 10.97 -14.92
C ALA A 570 2.62 11.48 -14.96
N THR A 571 1.67 10.60 -14.72
CA THR A 571 0.25 10.97 -14.79
C THR A 571 -0.16 11.84 -13.62
N TYR A 572 0.34 11.56 -12.41
CA TYR A 572 0.06 12.37 -11.23
C TYR A 572 0.44 13.81 -11.55
N HIS A 573 1.67 14.00 -12.03
CA HIS A 573 2.11 15.38 -12.27
C HIS A 573 1.37 16.07 -13.42
N ALA A 574 0.88 15.31 -14.38
CA ALA A 574 0.02 15.85 -15.46
C ALA A 574 -1.30 16.38 -14.95
N LEU A 575 -1.78 15.92 -13.79
CA LEU A 575 -3.08 16.32 -13.31
C LEU A 575 -3.07 17.49 -12.29
N LEU A 576 -1.87 17.86 -11.82
CA LEU A 576 -1.73 18.99 -10.94
C LEU A 576 -2.33 20.26 -11.53
N SER A 577 -2.18 20.45 -12.83
CA SER A 577 -2.61 21.69 -13.51
C SER A 577 -2.87 21.39 -14.99
N ARG A 578 -4.11 21.56 -15.44
CA ARG A 578 -4.47 21.28 -16.81
C ARG A 578 -5.01 22.52 -17.56
N LYS A 579 -4.93 23.65 -16.90
CA LYS A 579 -5.28 24.95 -17.49
C LYS A 579 -4.57 26.03 -16.66
N PRO A 580 -4.43 27.23 -17.23
CA PRO A 580 -3.72 28.23 -16.45
C PRO A 580 -4.40 28.56 -15.14
N GLY A 581 -3.63 28.67 -14.08
CA GLY A 581 -4.15 29.04 -12.78
C GLY A 581 -4.60 27.84 -11.96
N GLU A 582 -4.77 26.68 -12.59
CA GLU A 582 -5.27 25.49 -11.84
C GLU A 582 -4.11 24.84 -11.07
N HIS A 583 -4.40 24.45 -9.83
CA HIS A 583 -3.44 23.70 -9.01
C HIS A 583 -4.23 22.84 -8.04
N ARG A 584 -4.21 21.52 -8.25
CA ARG A 584 -5.14 20.70 -7.51
C ARG A 584 -4.61 19.28 -7.39
N ARG A 585 -5.25 18.55 -6.49
CA ARG A 585 -4.86 17.17 -6.20
C ARG A 585 -5.17 16.25 -7.37
N PRO A 586 -4.15 15.52 -7.87
CA PRO A 586 -4.48 14.40 -8.75
C PRO A 586 -5.33 13.31 -8.10
N PHE A 587 -6.04 12.58 -8.95
CA PHE A 587 -6.47 11.21 -8.65
C PHE A 587 -6.06 10.34 -9.80
N VAL A 588 -5.23 9.35 -9.49
CA VAL A 588 -4.73 8.36 -10.41
C VAL A 588 -4.79 6.98 -9.76
N LEU A 589 -5.51 6.06 -10.38
CA LEU A 589 -5.42 4.64 -10.04
C LEU A 589 -4.30 3.98 -10.85
N THR A 590 -3.53 3.10 -10.19
CA THR A 590 -2.48 2.32 -10.83
C THR A 590 -2.68 0.84 -10.60
N ARG A 591 -2.19 0.03 -11.51
CA ARG A 591 -2.12 -1.41 -11.29
C ARG A 591 -0.76 -1.79 -10.73
N ALA A 592 0.31 -1.44 -11.43
CA ALA A 592 1.66 -1.73 -10.97
C ALA A 592 2.18 -0.64 -10.07
N PHE A 593 3.01 -1.02 -9.11
CA PHE A 593 3.46 -0.05 -8.09
C PHE A 593 4.71 -0.56 -7.41
N PHE A 594 5.32 0.34 -6.65
CA PHE A 594 6.52 0.05 -5.85
C PHE A 594 6.41 0.81 -4.50
N ALA A 595 7.40 0.64 -3.65
CA ALA A 595 7.60 1.47 -2.50
C ALA A 595 7.60 2.95 -2.93
N GLY A 596 6.76 3.74 -2.27
CA GLY A 596 6.58 5.15 -2.62
C GLY A 596 5.35 5.49 -3.44
N SER A 597 4.69 4.48 -4.01
CA SER A 597 3.53 4.75 -4.86
C SER A 597 2.36 5.38 -4.07
N GLN A 598 2.38 5.23 -2.75
CA GLN A 598 1.44 5.91 -1.84
C GLN A 598 1.42 7.43 -2.05
N ARG A 599 2.53 7.98 -2.57
CA ARG A 599 2.59 9.43 -2.83
C ARG A 599 1.77 9.85 -4.04
N LEU A 600 1.30 8.87 -4.82
CA LEU A 600 0.80 9.13 -6.18
C LEU A 600 -0.67 8.83 -6.44
N GLY A 601 -1.32 8.09 -5.57
CA GLY A 601 -2.72 7.72 -5.77
C GLY A 601 -3.07 6.36 -5.19
N ALA A 602 -4.01 5.70 -5.84
CA ALA A 602 -4.61 4.43 -5.35
C ALA A 602 -4.06 3.27 -6.15
N MET A 603 -4.23 2.07 -5.61
CA MET A 603 -4.09 0.85 -6.35
C MET A 603 -5.32 -0.03 -6.16
N TRP A 604 -5.41 -1.04 -7.03
CA TRP A 604 -6.31 -2.16 -6.79
C TRP A 604 -5.60 -3.46 -7.11
N THR A 605 -6.16 -4.57 -6.67
CA THR A 605 -5.49 -5.86 -6.75
C THR A 605 -5.70 -6.59 -8.10
N GLY A 606 -6.08 -5.87 -9.16
CA GLY A 606 -6.03 -6.42 -10.51
C GLY A 606 -7.16 -7.38 -10.78
N ASP A 607 -6.89 -8.37 -11.63
CA ASP A 607 -7.93 -9.23 -12.19
C ASP A 607 -8.26 -10.38 -11.25
N ASN A 608 -9.03 -10.07 -10.23
CA ASN A 608 -9.55 -11.11 -9.35
C ASN A 608 -10.72 -11.82 -10.01
N THR A 609 -11.34 -12.77 -9.29
CA THR A 609 -12.40 -13.62 -9.85
C THR A 609 -13.65 -13.54 -8.96
N ALA A 610 -14.82 -13.65 -9.61
CA ALA A 610 -16.12 -13.61 -8.95
C ALA A 610 -16.41 -14.92 -8.24
N ASP A 611 -15.72 -15.15 -7.14
CA ASP A 611 -15.98 -16.31 -6.31
C ASP A 611 -15.59 -16.00 -4.87
N TRP A 612 -16.19 -16.77 -3.97
CA TRP A 612 -16.14 -16.53 -2.55
C TRP A 612 -14.72 -16.47 -2.01
N GLY A 613 -13.86 -17.35 -2.51
CA GLY A 613 -12.46 -17.41 -2.05
C GLY A 613 -11.73 -16.09 -2.32
N TYR A 614 -12.04 -15.44 -3.43
CA TYR A 614 -11.42 -14.16 -3.79
C TYR A 614 -11.96 -13.01 -2.94
N LEU A 615 -13.24 -13.06 -2.58
CA LEU A 615 -13.81 -12.11 -1.63
C LEU A 615 -13.07 -12.21 -0.28
N LYS A 616 -12.95 -13.42 0.25
CA LYS A 616 -12.23 -13.64 1.52
C LYS A 616 -10.79 -13.17 1.39
N ALA A 617 -10.14 -13.52 0.28
CA ALA A 617 -8.70 -13.19 0.08
C ALA A 617 -8.44 -11.67 0.04
N SER A 618 -9.44 -10.91 -0.38
CA SER A 618 -9.26 -9.47 -0.58
C SER A 618 -8.87 -8.76 0.69
N ILE A 619 -9.39 -9.22 1.82
CA ILE A 619 -9.17 -8.50 3.05
C ILE A 619 -7.70 -8.60 3.52
N PRO A 620 -7.10 -9.80 3.59
CA PRO A 620 -5.65 -9.87 3.93
C PRO A 620 -4.84 -9.09 2.90
N MET A 621 -5.24 -9.10 1.63
CA MET A 621 -4.43 -8.34 0.64
C MET A 621 -4.47 -6.84 0.88
N VAL A 622 -5.68 -6.29 1.06
CA VAL A 622 -5.84 -4.87 1.33
C VAL A 622 -5.14 -4.47 2.65
N LEU A 623 -5.24 -5.34 3.67
CA LEU A 623 -4.56 -5.07 4.89
C LEU A 623 -3.03 -5.02 4.69
N SER A 624 -2.50 -5.95 3.90
CA SER A 624 -1.04 -6.01 3.66
C SER A 624 -0.58 -4.74 2.99
N GLN A 625 -1.43 -4.18 2.11
CA GLN A 625 -1.07 -2.94 1.48
C GLN A 625 -0.84 -1.83 2.47
N GLY A 626 -1.74 -1.70 3.44
CA GLY A 626 -1.64 -0.57 4.34
C GLY A 626 -0.48 -0.69 5.32
N ILE A 627 -0.19 -1.90 5.75
CA ILE A 627 0.94 -2.05 6.69
C ILE A 627 2.28 -1.99 5.97
N ALA A 628 2.26 -2.07 4.65
CA ALA A 628 3.40 -1.80 3.80
C ALA A 628 3.46 -0.36 3.30
N GLY A 629 2.68 0.52 3.89
CA GLY A 629 2.79 1.94 3.67
C GLY A 629 2.08 2.40 2.40
N PHE A 630 1.20 1.58 1.83
CA PHE A 630 0.39 1.98 0.65
C PHE A 630 -1.08 1.59 0.87
N PRO A 631 -1.75 2.29 1.82
CA PRO A 631 -3.07 1.87 2.23
C PRO A 631 -4.23 2.16 1.25
N PHE A 632 -4.04 3.04 0.27
CA PHE A 632 -5.13 3.44 -0.65
C PHE A 632 -5.36 2.36 -1.71
N ALA A 633 -6.09 1.33 -1.30
CA ALA A 633 -6.08 0.00 -1.90
C ALA A 633 -7.49 -0.58 -1.87
N GLY A 634 -7.75 -1.45 -2.82
CA GLY A 634 -9.00 -2.21 -2.86
C GLY A 634 -8.92 -3.35 -3.85
N ALA A 635 -10.04 -4.06 -3.98
CA ALA A 635 -10.20 -5.11 -4.96
C ALA A 635 -11.51 -4.83 -5.73
N ASP A 636 -11.61 -5.37 -6.93
CA ASP A 636 -12.84 -5.16 -7.75
C ASP A 636 -14.04 -5.80 -7.05
N VAL A 637 -15.02 -5.00 -6.74
CA VAL A 637 -16.24 -5.44 -6.06
C VAL A 637 -17.11 -6.23 -7.05
N GLY A 638 -17.42 -7.44 -6.64
CA GLY A 638 -18.04 -8.47 -7.47
C GLY A 638 -17.08 -9.46 -8.08
N GLY A 639 -15.77 -9.12 -8.08
CA GLY A 639 -14.79 -9.87 -8.86
C GLY A 639 -14.75 -9.49 -10.31
N PHE A 640 -13.56 -9.41 -10.88
CA PHE A 640 -13.39 -9.04 -12.28
C PHE A 640 -13.91 -10.14 -13.21
N PHE A 641 -13.37 -11.35 -13.09
CA PHE A 641 -13.71 -12.42 -14.03
C PHE A 641 -14.97 -13.12 -13.57
N GLY A 642 -15.91 -13.27 -14.47
CA GLY A 642 -17.07 -14.12 -14.21
C GLY A 642 -18.30 -13.39 -13.71
N ASN A 643 -19.33 -14.16 -13.35
CA ASN A 643 -20.60 -13.64 -12.90
C ASN A 643 -20.89 -14.05 -11.48
N PRO A 644 -20.81 -13.10 -10.54
CA PRO A 644 -21.07 -13.44 -9.16
C PRO A 644 -22.54 -13.76 -8.93
N ASP A 645 -22.81 -14.79 -8.13
CA ASP A 645 -24.17 -14.99 -7.61
C ASP A 645 -24.62 -13.75 -6.85
N LYS A 646 -25.93 -13.56 -6.73
CA LYS A 646 -26.49 -12.36 -6.13
C LYS A 646 -26.06 -12.21 -4.65
N ASP A 647 -26.02 -13.31 -3.94
CA ASP A 647 -25.59 -13.28 -2.53
C ASP A 647 -24.11 -12.92 -2.45
N LEU A 648 -23.30 -13.45 -3.36
CA LEU A 648 -21.87 -13.11 -3.35
C LEU A 648 -21.68 -11.63 -3.64
N LEU A 649 -22.40 -11.14 -4.64
CA LEU A 649 -22.26 -9.72 -5.02
C LEU A 649 -22.64 -8.83 -3.85
N THR A 650 -23.71 -9.21 -3.15
CA THR A 650 -24.20 -8.48 -2.00
C THR A 650 -23.18 -8.44 -0.86
N ARG A 651 -22.65 -9.60 -0.51
CA ARG A 651 -21.57 -9.67 0.48
C ARG A 651 -20.38 -8.89 -0.01
N TRP A 652 -20.13 -8.91 -1.31
CA TRP A 652 -18.99 -8.15 -1.81
C TRP A 652 -19.13 -6.64 -1.58
N TYR A 653 -20.32 -6.09 -1.76
CA TYR A 653 -20.57 -4.69 -1.35
C TYR A 653 -20.32 -4.47 0.13
N GLN A 654 -20.71 -5.42 0.97
CA GLN A 654 -20.56 -5.25 2.40
C GLN A 654 -19.11 -5.28 2.86
N THR A 655 -18.24 -5.93 2.09
CA THR A 655 -16.79 -5.91 2.33
C THR A 655 -16.21 -4.67 1.67
N GLY A 656 -16.64 -4.38 0.45
CA GLY A 656 -16.00 -3.32 -0.35
C GLY A 656 -16.15 -1.93 0.22
N ILE A 657 -17.20 -1.69 1.02
CA ILE A 657 -17.34 -0.42 1.72
C ILE A 657 -16.27 -0.23 2.79
N PHE A 658 -15.43 -1.23 3.02
CA PHE A 658 -14.30 -1.10 3.95
C PHE A 658 -12.96 -1.07 3.23
N TYR A 659 -12.98 -1.15 1.91
CA TYR A 659 -11.73 -0.92 1.14
C TYR A 659 -11.50 0.58 1.08
N PRO A 660 -10.30 1.04 1.40
CA PRO A 660 -10.05 2.47 1.18
C PRO A 660 -10.35 2.96 -0.26
N PHE A 661 -10.01 2.14 -1.25
CA PHE A 661 -10.46 2.34 -2.63
C PHE A 661 -11.58 1.37 -3.02
N PHE A 662 -12.76 1.93 -3.24
CA PHE A 662 -14.00 1.17 -3.32
C PHE A 662 -14.63 1.30 -4.73
N ARG A 663 -14.31 0.33 -5.57
CA ARG A 663 -14.83 0.28 -6.96
C ARG A 663 -15.40 -1.06 -7.35
N ALA A 664 -16.55 -1.05 -8.03
CA ALA A 664 -17.09 -2.23 -8.70
C ALA A 664 -16.57 -2.25 -10.14
N HIS A 665 -16.21 -3.42 -10.63
CA HIS A 665 -15.65 -3.58 -11.97
C HIS A 665 -15.91 -5.01 -12.42
N ALA A 666 -15.92 -5.20 -13.75
CA ALA A 666 -16.29 -6.48 -14.35
C ALA A 666 -15.61 -6.63 -15.72
N HIS A 667 -15.25 -7.84 -16.05
CA HIS A 667 -14.58 -8.22 -17.28
C HIS A 667 -15.59 -8.13 -18.43
N ILE A 668 -15.05 -8.06 -19.63
CA ILE A 668 -15.84 -7.80 -20.84
C ILE A 668 -16.87 -8.89 -21.10
N ASP A 669 -16.56 -10.12 -20.70
CA ASP A 669 -17.48 -11.23 -20.91
C ASP A 669 -18.51 -11.36 -19.78
N ALA A 670 -18.38 -10.59 -18.70
CA ALA A 670 -19.31 -10.67 -17.57
C ALA A 670 -20.60 -9.93 -17.91
N ARG A 671 -21.72 -10.49 -17.48
CA ARG A 671 -23.01 -9.78 -17.58
C ARG A 671 -22.96 -8.43 -16.90
N ARG A 672 -23.76 -7.48 -17.39
CA ARG A 672 -23.99 -6.24 -16.68
C ARG A 672 -24.42 -6.52 -15.25
N ARG A 673 -23.78 -5.82 -14.32
CA ARG A 673 -24.10 -5.98 -12.90
C ARG A 673 -23.97 -4.67 -12.11
N GLU A 674 -24.36 -3.58 -12.75
CA GLU A 674 -24.65 -2.38 -12.05
C GLU A 674 -25.63 -2.72 -10.93
N PRO A 675 -25.44 -2.13 -9.74
CA PRO A 675 -26.06 -2.68 -8.53
C PRO A 675 -27.60 -2.71 -8.53
N TYR A 676 -28.21 -1.80 -9.26
CA TYR A 676 -29.69 -1.79 -9.39
C TYR A 676 -30.23 -2.96 -10.22
N LEU A 677 -29.37 -3.70 -10.91
CA LEU A 677 -29.81 -4.90 -11.63
C LEU A 677 -29.93 -6.15 -10.79
N THR A 678 -29.50 -6.10 -9.51
CA THR A 678 -29.41 -7.32 -8.76
C THR A 678 -30.82 -7.90 -8.45
N GLY A 679 -31.75 -6.99 -8.20
CA GLY A 679 -33.11 -7.35 -7.77
C GLY A 679 -33.26 -7.34 -6.28
N GLU A 680 -34.51 -7.30 -5.82
CA GLU A 680 -34.78 -7.38 -4.40
C GLU A 680 -34.66 -8.82 -3.90
N PRO A 681 -34.22 -9.00 -2.64
CA PRO A 681 -33.97 -8.00 -1.60
C PRO A 681 -32.53 -7.46 -1.65
N TYR A 682 -31.76 -7.91 -2.61
CA TYR A 682 -30.32 -7.57 -2.73
C TYR A 682 -30.15 -6.08 -2.97
N ASN A 683 -31.00 -5.47 -3.80
CA ASN A 683 -30.87 -4.03 -4.07
C ASN A 683 -30.89 -3.21 -2.77
N THR A 684 -31.82 -3.56 -1.88
CA THR A 684 -32.00 -2.82 -0.65
C THR A 684 -30.78 -3.00 0.25
N ILE A 685 -30.25 -4.21 0.30
CA ILE A 685 -29.10 -4.51 1.15
C ILE A 685 -27.88 -3.78 0.59
N ILE A 686 -27.70 -3.82 -0.73
CA ILE A 686 -26.57 -3.14 -1.36
C ILE A 686 -26.68 -1.64 -1.16
N ALA A 687 -27.89 -1.06 -1.30
CA ALA A 687 -28.08 0.37 -1.04
C ALA A 687 -27.75 0.76 0.39
N ALA A 688 -28.11 -0.12 1.34
CA ALA A 688 -27.80 0.12 2.72
C ALA A 688 -26.29 0.13 2.99
N ALA A 689 -25.57 -0.74 2.28
CA ALA A 689 -24.10 -0.78 2.40
C ALA A 689 -23.52 0.53 1.87
N LEU A 690 -23.98 0.94 0.71
CA LEU A 690 -23.53 2.21 0.14
C LEU A 690 -23.83 3.38 1.05
N ARG A 691 -25.02 3.38 1.66
CA ARG A 691 -25.37 4.49 2.54
C ARG A 691 -24.45 4.51 3.77
N LEU A 692 -24.04 3.36 4.25
CA LEU A 692 -23.10 3.30 5.41
C LEU A 692 -21.75 3.89 5.04
N ARG A 693 -21.20 3.50 3.89
CA ARG A 693 -19.94 4.07 3.41
C ARG A 693 -20.02 5.57 3.36
N TYR A 694 -21.07 6.07 2.73
CA TYR A 694 -21.26 7.54 2.66
C TYR A 694 -21.41 8.24 4.01
N SER A 695 -22.17 7.64 4.91
CA SER A 695 -22.39 8.24 6.22
C SER A 695 -21.05 8.35 6.98
N LEU A 696 -20.16 7.37 6.76
CA LEU A 696 -18.87 7.33 7.43
C LEU A 696 -17.78 8.16 6.70
N LEU A 697 -18.12 8.79 5.59
CA LEU A 697 -17.10 9.47 4.79
C LEU A 697 -16.30 10.50 5.64
N PRO A 698 -16.93 11.18 6.65
CA PRO A 698 -16.14 12.10 7.49
C PRO A 698 -15.02 11.42 8.25
N SER A 699 -15.32 10.21 8.73
CA SER A 699 -14.33 9.38 9.42
C SER A 699 -13.32 8.70 8.46
N TRP A 700 -13.78 8.26 7.30
CA TRP A 700 -12.86 7.77 6.25
C TRP A 700 -11.87 8.84 5.84
N TYR A 701 -12.35 10.07 5.60
CA TYR A 701 -11.43 11.13 5.17
C TYR A 701 -10.42 11.50 6.24
N THR A 702 -10.89 11.48 7.50
CA THR A 702 -10.00 11.67 8.60
C THR A 702 -8.92 10.58 8.66
N ALA A 703 -9.29 9.33 8.38
CA ALA A 703 -8.34 8.23 8.36
C ALA A 703 -7.25 8.45 7.28
N PHE A 704 -7.67 8.91 6.11
CA PHE A 704 -6.72 9.30 5.05
C PHE A 704 -5.83 10.45 5.50
N ARG A 705 -6.39 11.42 6.23
CA ARG A 705 -5.54 12.48 6.81
C ARG A 705 -4.40 11.94 7.67
N HIS A 706 -4.69 10.95 8.52
CA HIS A 706 -3.64 10.35 9.36
C HIS A 706 -2.63 9.57 8.54
N ALA A 707 -3.10 8.93 7.48
CA ALA A 707 -2.19 8.28 6.54
C ALA A 707 -1.27 9.32 5.89
N HIS A 708 -1.77 10.50 5.60
CA HIS A 708 -0.96 11.57 5.06
C HIS A 708 0.02 12.17 6.09
N LEU A 709 -0.44 12.32 7.34
CA LEU A 709 0.39 12.95 8.37
C LEU A 709 1.58 12.09 8.76
N ASP A 710 1.37 10.78 8.89
CA ASP A 710 2.46 9.93 9.41
CA ASP A 710 2.36 9.90 9.54
C ASP A 710 2.43 8.49 8.96
N GLY A 711 1.76 8.21 7.85
CA GLY A 711 1.74 6.85 7.30
C GLY A 711 0.88 5.88 8.08
N THR A 712 -0.01 6.36 8.94
CA THR A 712 -0.89 5.47 9.67
C THR A 712 -1.77 4.72 8.70
N PRO A 713 -1.88 3.37 8.86
CA PRO A 713 -2.80 2.66 7.98
C PRO A 713 -4.22 3.14 8.12
N ILE A 714 -4.99 2.99 7.04
CA ILE A 714 -6.37 3.45 6.98
C ILE A 714 -7.33 2.45 7.61
N ILE A 715 -7.18 1.18 7.24
CA ILE A 715 -7.74 0.05 8.00
C ILE A 715 -6.57 -0.75 8.64
N LYS A 716 -6.77 -1.10 9.89
CA LYS A 716 -5.67 -1.51 10.78
C LYS A 716 -5.86 -2.95 11.28
N PRO A 717 -4.85 -3.82 11.08
CA PRO A 717 -5.00 -5.18 11.55
C PRO A 717 -4.74 -5.26 13.06
N MET A 718 -5.06 -6.42 13.64
CA MET A 718 -4.95 -6.62 15.07
C MET A 718 -3.53 -6.46 15.59
N PHE A 719 -2.53 -6.88 14.79
CA PHE A 719 -1.16 -6.72 15.27
C PHE A 719 -0.80 -5.27 15.51
N TYR A 720 -1.43 -4.38 14.76
CA TYR A 720 -1.12 -2.95 14.76
C TYR A 720 -1.81 -2.28 15.93
N THR A 721 -3.10 -2.54 16.08
CA THR A 721 -3.87 -1.90 17.15
C THR A 721 -3.58 -2.48 18.54
N HIS A 722 -3.22 -3.77 18.60
CA HIS A 722 -3.09 -4.51 19.84
C HIS A 722 -1.79 -5.28 19.89
N PRO A 723 -0.66 -4.55 19.90
CA PRO A 723 0.65 -5.20 19.92
C PRO A 723 0.95 -6.04 21.15
N SER A 724 0.20 -5.84 22.24
CA SER A 724 0.38 -6.65 23.44
C SER A 724 -0.43 -7.93 23.42
N GLU A 725 -1.28 -8.13 22.41
CA GLU A 725 -2.19 -9.26 22.40
C GLU A 725 -1.72 -10.29 21.36
N GLU A 726 -0.97 -11.28 21.84
CA GLU A 726 -0.31 -12.30 20.99
C GLU A 726 -1.30 -13.05 20.08
N ALA A 727 -2.49 -13.31 20.59
CA ALA A 727 -3.47 -14.08 19.82
C ALA A 727 -3.89 -13.37 18.53
N GLY A 728 -3.72 -12.05 18.48
CA GLY A 728 -4.14 -11.30 17.31
C GLY A 728 -3.15 -11.35 16.17
N LEU A 729 -1.93 -11.83 16.42
CA LEU A 729 -0.85 -11.68 15.44
C LEU A 729 -1.23 -12.10 14.04
N PRO A 730 -1.74 -13.32 13.86
CA PRO A 730 -2.03 -13.73 12.50
C PRO A 730 -3.41 -13.31 11.99
N ILE A 731 -4.28 -12.73 12.83
CA ILE A 731 -5.67 -12.53 12.43
C ILE A 731 -5.68 -11.55 11.28
N ASP A 732 -6.39 -11.89 10.21
CA ASP A 732 -6.37 -11.06 8.98
C ASP A 732 -7.73 -10.92 8.32
N ASP A 733 -8.80 -11.17 9.06
CA ASP A 733 -10.16 -11.13 8.53
C ASP A 733 -11.05 -10.10 9.26
N GLN A 734 -10.44 -9.29 10.12
CA GLN A 734 -11.13 -8.23 10.83
C GLN A 734 -10.14 -7.11 11.04
N PHE A 735 -10.65 -5.91 11.27
CA PHE A 735 -9.79 -4.73 11.25
C PHE A 735 -10.48 -3.52 11.84
N PHE A 736 -9.68 -2.60 12.36
CA PHE A 736 -10.20 -1.32 12.84
C PHE A 736 -10.22 -0.26 11.74
N ILE A 737 -11.19 0.64 11.75
CA ILE A 737 -11.26 1.71 10.76
C ILE A 737 -10.68 3.00 11.29
N GLY A 738 -9.61 3.46 10.66
CA GLY A 738 -9.11 4.79 10.97
C GLY A 738 -8.84 4.92 12.45
N ASN A 739 -9.28 6.07 12.95
CA ASN A 739 -9.17 6.41 14.31
C ASN A 739 -10.53 6.31 15.06
N THR A 740 -11.43 5.43 14.61
CA THR A 740 -12.82 5.47 15.04
C THR A 740 -13.11 4.48 16.15
N GLY A 741 -12.24 3.51 16.36
CA GLY A 741 -12.54 2.34 17.18
C GLY A 741 -13.56 1.38 16.62
N LEU A 742 -13.94 1.55 15.36
CA LEU A 742 -14.90 0.65 14.72
C LEU A 742 -14.17 -0.59 14.25
N LEU A 743 -14.71 -1.75 14.63
CA LEU A 743 -14.13 -3.07 14.40
C LEU A 743 -15.07 -3.83 13.48
N ALA A 744 -14.59 -4.11 12.27
CA ALA A 744 -15.42 -4.75 11.22
C ALA A 744 -14.96 -6.19 11.01
N LYS A 745 -15.91 -7.08 10.77
CA LYS A 745 -15.58 -8.45 10.30
C LYS A 745 -16.66 -8.82 9.29
N PRO A 746 -16.43 -8.46 8.02
CA PRO A 746 -17.41 -8.80 6.97
C PRO A 746 -17.59 -10.29 6.79
N VAL A 747 -18.78 -10.71 6.38
CA VAL A 747 -19.01 -12.12 6.05
C VAL A 747 -18.50 -12.41 4.65
N THR A 748 -17.65 -13.43 4.52
CA THR A 748 -17.01 -13.71 3.24
C THR A 748 -17.14 -15.18 2.89
N ASP A 749 -18.07 -15.86 3.55
CA ASP A 749 -18.33 -17.28 3.29
C ASP A 749 -19.77 -17.45 2.78
N LYS A 750 -19.91 -18.36 1.82
CA LYS A 750 -21.17 -18.67 1.20
C LYS A 750 -22.14 -19.27 2.23
N ASP A 751 -23.36 -18.80 2.23
CA ASP A 751 -24.43 -19.31 3.10
C ASP A 751 -24.14 -19.18 4.60
N ARG A 752 -23.26 -18.26 5.02
CA ARG A 752 -23.04 -18.04 6.44
C ARG A 752 -24.04 -17.07 6.98
N THR A 753 -24.54 -17.34 8.18
CA THR A 753 -25.51 -16.45 8.80
C THR A 753 -25.10 -16.07 10.23
N SER A 754 -23.84 -16.30 10.56
CA SER A 754 -23.25 -15.80 11.78
C SER A 754 -21.78 -15.64 11.54
N VAL A 755 -21.12 -14.94 12.46
CA VAL A 755 -19.71 -14.68 12.38
C VAL A 755 -19.14 -14.68 13.78
N ASP A 756 -17.91 -15.18 13.91
CA ASP A 756 -17.19 -15.22 15.18
C ASP A 756 -16.20 -14.10 15.13
N ILE A 757 -16.31 -13.12 16.01
CA ILE A 757 -15.38 -12.00 16.01
C ILE A 757 -14.45 -12.15 17.18
N TRP A 758 -13.16 -11.97 16.95
CA TRP A 758 -12.18 -11.96 18.03
C TRP A 758 -12.19 -10.60 18.72
N ILE A 759 -12.50 -10.59 20.02
CA ILE A 759 -12.53 -9.35 20.75
C ILE A 759 -11.17 -9.13 21.39
N PRO A 760 -10.47 -8.04 21.04
CA PRO A 760 -9.01 -8.02 21.31
C PRO A 760 -8.59 -7.79 22.74
N ASP A 761 -9.48 -7.24 23.57
CA ASP A 761 -9.11 -6.77 24.86
C ASP A 761 -10.33 -6.71 25.77
N SER A 762 -10.16 -6.07 26.93
CA SER A 762 -11.20 -6.08 27.96
C SER A 762 -12.20 -4.90 27.87
N GLU A 763 -12.09 -4.09 26.83
CA GLU A 763 -12.98 -2.95 26.67
C GLU A 763 -14.38 -3.42 26.32
N VAL A 764 -15.34 -2.53 26.44
CA VAL A 764 -16.70 -2.80 25.96
C VAL A 764 -16.80 -2.63 24.45
N TYR A 765 -17.49 -3.56 23.79
CA TYR A 765 -17.75 -3.47 22.35
C TYR A 765 -19.25 -3.52 22.14
N TYR A 766 -19.75 -2.62 21.30
CA TYR A 766 -21.16 -2.49 21.03
C TYR A 766 -21.49 -2.74 19.56
N ASP A 767 -22.64 -3.35 19.29
CA ASP A 767 -23.13 -3.41 17.90
C ASP A 767 -23.41 -2.01 17.38
N TYR A 768 -22.83 -1.68 16.22
CA TYR A 768 -22.95 -0.34 15.65
C TYR A 768 -24.41 0.01 15.38
N PHE A 769 -25.20 -1.00 15.04
CA PHE A 769 -26.58 -0.77 14.58
C PHE A 769 -27.58 -0.84 15.74
N THR A 770 -27.41 -1.79 16.64
CA THR A 770 -28.41 -1.98 17.71
C THR A 770 -27.98 -1.49 19.07
N TYR A 771 -26.68 -1.24 19.24
CA TYR A 771 -26.04 -0.94 20.51
C TYR A 771 -26.05 -2.10 21.51
N ASP A 772 -26.34 -3.32 21.05
CA ASP A 772 -26.15 -4.47 21.93
C ASP A 772 -24.69 -4.58 22.42
N ILE A 773 -24.53 -4.88 23.70
CA ILE A 773 -23.18 -5.16 24.26
C ILE A 773 -22.75 -6.54 23.82
N ILE A 774 -21.70 -6.58 22.99
CA ILE A 774 -21.23 -7.83 22.40
C ILE A 774 -20.18 -8.49 23.28
N SER A 775 -19.34 -7.67 23.90
CA SER A 775 -18.38 -8.16 24.86
C SER A 775 -18.03 -7.05 25.82
N ALA A 776 -17.64 -7.47 27.02
CA ALA A 776 -17.02 -6.57 27.96
C ALA A 776 -16.08 -7.39 28.88
N ALA A 777 -15.10 -6.71 29.47
CA ALA A 777 -14.30 -7.22 30.59
C ALA A 777 -13.17 -8.20 30.25
N LYS A 778 -13.16 -8.81 29.06
CA LYS A 778 -12.17 -9.88 28.76
C LYS A 778 -12.09 -10.20 27.26
N SER A 779 -10.88 -10.31 26.76
CA SER A 779 -10.68 -10.76 25.37
C SER A 779 -11.23 -12.19 25.17
N LYS A 780 -11.88 -12.43 24.02
CA LYS A 780 -12.66 -13.65 23.78
C LYS A 780 -13.06 -13.72 22.30
N THR A 781 -13.67 -14.82 21.87
CA THR A 781 -14.39 -14.84 20.60
C THR A 781 -15.89 -14.75 20.85
N ALA A 782 -16.53 -13.78 20.17
CA ALA A 782 -17.96 -13.51 20.32
C ALA A 782 -18.63 -13.92 19.03
N THR A 783 -19.80 -14.55 19.15
CA THR A 783 -20.57 -14.97 17.99
C THR A 783 -21.66 -13.96 17.76
N LEU A 784 -21.76 -13.46 16.54
CA LEU A 784 -22.69 -12.39 16.16
C LEU A 784 -23.60 -12.92 15.06
N ASP A 785 -24.91 -12.78 15.23
CA ASP A 785 -25.85 -12.98 14.12
C ASP A 785 -25.40 -12.20 12.88
N ALA A 786 -25.47 -12.83 11.70
CA ALA A 786 -24.99 -12.19 10.48
C ALA A 786 -25.70 -12.73 9.25
N PRO A 787 -27.02 -12.54 9.16
CA PRO A 787 -27.70 -12.87 7.92
C PRO A 787 -27.25 -11.98 6.77
N LEU A 788 -27.75 -12.26 5.57
CA LEU A 788 -27.29 -11.53 4.41
C LEU A 788 -27.41 -10.02 4.60
N GLU A 789 -28.44 -9.57 5.30
CA GLU A 789 -28.72 -8.14 5.48
C GLU A 789 -27.86 -7.48 6.57
N LYS A 790 -26.97 -8.22 7.20
CA LYS A 790 -26.16 -7.71 8.31
C LYS A 790 -24.69 -7.47 7.88
N ILE A 791 -24.19 -6.28 8.19
CA ILE A 791 -22.77 -5.95 8.17
C ILE A 791 -22.23 -6.03 9.61
N PRO A 792 -21.37 -7.01 9.91
CA PRO A 792 -20.83 -7.08 11.29
C PRO A 792 -19.81 -5.99 11.62
N LEU A 793 -20.24 -5.07 12.49
CA LEU A 793 -19.52 -3.82 12.77
C LEU A 793 -19.73 -3.47 14.24
N LEU A 794 -18.64 -3.42 15.00
CA LEU A 794 -18.66 -3.14 16.44
C LEU A 794 -18.03 -1.79 16.72
N MET A 795 -18.47 -1.15 17.81
CA MET A 795 -17.89 0.08 18.29
C MET A 795 -17.16 -0.22 19.59
N ARG A 796 -15.89 0.10 19.62
CA ARG A 796 -15.07 -0.07 20.86
C ARG A 796 -15.27 1.12 21.78
N GLY A 797 -15.44 0.85 23.07
CA GLY A 797 -15.41 1.96 24.05
C GLY A 797 -14.09 2.73 24.10
N GLY A 798 -14.20 4.03 24.35
CA GLY A 798 -13.06 4.90 24.43
C GLY A 798 -12.84 5.78 23.20
N HIS A 799 -13.80 5.84 22.29
CA HIS A 799 -13.62 6.45 20.99
C HIS A 799 -14.78 7.39 20.68
N VAL A 800 -14.48 8.47 19.96
CA VAL A 800 -15.50 9.35 19.37
C VAL A 800 -15.28 9.34 17.86
N PHE A 801 -16.36 9.28 17.07
CA PHE A 801 -16.20 9.44 15.62
C PHE A 801 -17.35 10.23 15.04
N ALA A 802 -17.04 10.90 13.93
CA ALA A 802 -18.03 11.69 13.20
C ALA A 802 -18.62 10.99 12.01
N ARG A 803 -19.88 11.29 11.72
CA ARG A 803 -20.57 10.82 10.54
C ARG A 803 -21.52 11.89 10.06
N ARG A 804 -22.04 11.69 8.85
CA ARG A 804 -23.07 12.54 8.27
C ARG A 804 -24.26 11.68 7.97
N ASP A 805 -25.36 11.92 8.69
CA ASP A 805 -26.51 11.03 8.63
C ASP A 805 -27.40 11.32 7.41
N ILE A 806 -27.40 12.54 6.88
CA ILE A 806 -28.33 12.88 5.80
C ILE A 806 -27.88 12.20 4.52
N PRO A 807 -28.73 11.37 3.92
CA PRO A 807 -28.31 10.69 2.69
C PRO A 807 -28.30 11.61 1.49
N ARG A 808 -27.22 11.57 0.72
CA ARG A 808 -27.12 12.36 -0.51
C ARG A 808 -26.67 11.49 -1.67
N ARG A 809 -26.79 12.02 -2.88
CA ARG A 809 -26.48 11.27 -4.11
C ARG A 809 -24.98 11.09 -4.39
N SER A 810 -24.15 11.96 -3.82
CA SER A 810 -22.71 11.92 -4.02
C SER A 810 -22.03 12.59 -2.86
N SER A 811 -20.73 12.44 -2.75
CA SER A 811 -20.01 13.08 -1.66
C SER A 811 -20.02 14.61 -1.77
N ALA A 812 -19.96 15.13 -2.99
CA ALA A 812 -19.98 16.58 -3.19
C ALA A 812 -21.24 17.22 -2.61
N LEU A 813 -22.35 16.49 -2.70
CA LEU A 813 -23.63 16.98 -2.22
C LEU A 813 -23.78 16.88 -0.70
N MET A 814 -22.79 16.25 -0.04
CA MET A 814 -22.72 16.24 1.42
C MET A 814 -21.86 17.34 2.02
N LYS A 815 -21.13 18.11 1.19
CA LYS A 815 -20.05 19.01 1.67
C LYS A 815 -20.45 19.98 2.78
N TRP A 816 -21.70 20.44 2.78
CA TRP A 816 -22.13 21.48 3.71
C TRP A 816 -23.12 20.95 4.73
N ASP A 817 -23.27 19.63 4.80
CA ASP A 817 -24.25 19.04 5.71
C ASP A 817 -23.74 18.93 7.17
N PRO A 818 -24.68 18.96 8.13
CA PRO A 818 -24.32 18.83 9.53
C PRO A 818 -23.76 17.46 9.91
N TYR A 819 -22.99 17.44 11.00
CA TYR A 819 -22.36 16.22 11.50
C TYR A 819 -23.10 15.63 12.69
N THR A 820 -22.97 14.31 12.85
CA THR A 820 -23.34 13.61 14.06
C THR A 820 -22.05 13.09 14.70
N LEU A 821 -21.91 13.25 16.01
CA LEU A 821 -20.79 12.64 16.73
C LEU A 821 -21.30 11.51 17.56
N VAL A 822 -20.61 10.38 17.47
CA VAL A 822 -20.94 9.22 18.27
C VAL A 822 -19.81 9.08 19.30
N VAL A 823 -20.19 9.12 20.57
CA VAL A 823 -19.28 9.03 21.69
C VAL A 823 -19.50 7.65 22.29
N VAL A 824 -18.49 6.79 22.21
CA VAL A 824 -18.63 5.39 22.66
C VAL A 824 -17.86 5.20 23.96
N LEU A 825 -18.59 5.02 25.06
CA LEU A 825 -17.99 4.96 26.39
C LEU A 825 -17.85 3.54 26.88
N GLY A 826 -16.72 3.23 27.49
CA GLY A 826 -16.59 2.06 28.34
C GLY A 826 -16.67 2.45 29.80
N ASN A 827 -16.11 1.61 30.70
CA ASN A 827 -16.27 1.82 32.12
C ASN A 827 -15.54 3.08 32.61
N ASP A 828 -14.52 3.52 31.89
CA ASP A 828 -13.84 4.77 32.22
C ASP A 828 -14.70 5.98 32.02
N ARG A 829 -15.74 5.87 31.19
CA ARG A 829 -16.57 7.02 30.83
C ARG A 829 -15.71 8.15 30.26
N LYS A 830 -14.80 7.75 29.38
CA LYS A 830 -13.83 8.63 28.81
C LYS A 830 -13.63 8.22 27.34
N ALA A 831 -13.38 9.19 26.47
CA ALA A 831 -13.17 8.82 25.06
C ALA A 831 -12.46 9.91 24.31
N GLU A 832 -11.86 9.54 23.17
CA GLU A 832 -11.23 10.53 22.29
C GLU A 832 -11.44 10.15 20.83
N GLY A 833 -11.53 11.15 19.98
CA GLY A 833 -11.56 10.96 18.54
C GLY A 833 -11.29 12.27 17.84
N ASP A 834 -11.39 12.27 16.50
CA ASP A 834 -11.05 13.49 15.77
C ASP A 834 -11.83 13.56 14.45
N LEU A 835 -11.82 14.73 13.85
CA LEU A 835 -12.46 14.95 12.56
C LEU A 835 -11.62 15.97 11.78
N TYR A 836 -11.19 15.61 10.57
CA TYR A 836 -10.45 16.51 9.68
C TYR A 836 -11.34 16.81 8.47
N VAL A 837 -11.44 18.09 8.11
CA VAL A 837 -12.19 18.48 6.89
C VAL A 837 -11.44 19.59 6.20
N ASP A 838 -11.46 19.57 4.88
CA ASP A 838 -10.97 20.69 4.09
C ASP A 838 -11.70 20.72 2.76
N ASP A 839 -11.24 21.50 1.79
CA ASP A 839 -12.01 21.64 0.53
C ASP A 839 -11.95 20.43 -0.40
N GLY A 840 -11.06 19.50 -0.10
CA GLY A 840 -11.05 18.18 -0.74
C GLY A 840 -10.36 18.15 -2.09
N ASP A 841 -9.81 19.29 -2.53
CA ASP A 841 -9.39 19.47 -3.95
C ASP A 841 -8.06 20.21 -4.11
N SER A 842 -7.88 21.28 -3.37
CA SER A 842 -6.71 22.14 -3.52
C SER A 842 -5.57 21.70 -2.61
N PHE A 843 -4.48 22.45 -2.71
CA PHE A 843 -3.39 22.36 -1.73
C PHE A 843 -3.41 23.46 -0.67
N ASP A 844 -4.56 24.11 -0.47
CA ASP A 844 -4.71 25.11 0.59
C ASP A 844 -4.52 24.54 2.01
N TYR A 845 -4.71 23.22 2.19
CA TYR A 845 -4.39 22.57 3.47
C TYR A 845 -2.95 22.85 3.90
N GLU A 846 -2.03 23.03 2.94
CA GLU A 846 -0.61 23.27 3.27
C GLU A 846 -0.41 24.63 3.98
N LYS A 847 -1.35 25.54 3.78
CA LYS A 847 -1.32 26.88 4.38
C LYS A 847 -2.37 26.99 5.49
N GLY A 848 -2.79 25.86 6.06
CA GLY A 848 -3.65 25.88 7.24
C GLY A 848 -5.14 25.96 6.97
N GLN A 849 -5.57 25.89 5.71
CA GLN A 849 -6.98 26.02 5.39
C GLN A 849 -7.71 24.69 5.56
N TYR A 850 -7.92 24.34 6.82
CA TYR A 850 -8.57 23.11 7.18
C TYR A 850 -9.14 23.22 8.60
N ILE A 851 -10.07 22.32 8.89
CA ILE A 851 -10.61 22.16 10.24
C ILE A 851 -10.13 20.80 10.69
N HIS A 852 -9.53 20.75 11.87
CA HIS A 852 -9.19 19.45 12.47
C HIS A 852 -9.53 19.53 13.95
N ARG A 853 -10.59 18.83 14.32
CA ARG A 853 -11.10 18.85 15.71
C ARG A 853 -10.63 17.61 16.44
N ARG A 854 -10.20 17.78 17.68
CA ARG A 854 -9.98 16.73 18.64
C ARG A 854 -11.16 16.78 19.60
N PHE A 855 -11.82 15.63 19.75
CA PHE A 855 -13.00 15.50 20.60
C PHE A 855 -12.58 14.69 21.79
N ILE A 856 -12.82 15.20 23.00
CA ILE A 856 -12.45 14.44 24.20
C ILE A 856 -13.68 14.41 25.08
N PHE A 857 -14.08 13.20 25.46
CA PHE A 857 -15.08 13.02 26.49
C PHE A 857 -14.41 12.62 27.79
N ASP A 858 -14.66 13.38 28.87
CA ASP A 858 -14.06 13.05 30.18
C ASP A 858 -14.85 13.76 31.27
N ALA A 859 -15.08 13.05 32.36
CA ALA A 859 -15.76 13.65 33.52
C ALA A 859 -17.00 14.40 33.08
N ASN A 860 -17.85 13.68 32.34
CA ASN A 860 -19.18 14.15 31.93
C ASN A 860 -19.19 15.31 30.96
N THR A 861 -18.04 15.57 30.32
CA THR A 861 -17.88 16.72 29.46
C THR A 861 -17.32 16.30 28.11
N LEU A 862 -17.95 16.75 27.02
CA LEU A 862 -17.41 16.62 25.68
C LEU A 862 -16.84 17.96 25.25
N THR A 863 -15.57 17.97 24.84
CA THR A 863 -14.93 19.18 24.34
C THR A 863 -14.45 18.95 22.91
N SER A 864 -14.44 20.02 22.14
CA SER A 864 -13.85 20.13 20.83
C SER A 864 -12.81 21.21 20.85
N ALA A 865 -11.60 20.88 20.41
CA ALA A 865 -10.45 21.78 20.36
C ALA A 865 -9.82 21.60 18.99
N ASP A 866 -9.14 22.61 18.49
CA ASP A 866 -8.21 22.38 17.37
C ASP A 866 -7.16 21.30 17.68
N TYR A 867 -7.06 20.32 16.80
CA TYR A 867 -6.19 19.15 16.97
C TYR A 867 -4.72 19.52 17.16
N GLU A 868 -4.26 20.54 16.44
CA GLU A 868 -2.85 20.97 16.54
C GLU A 868 -2.65 22.13 17.51
N GLY A 869 -3.69 22.51 18.24
CA GLY A 869 -3.60 23.57 19.22
C GLY A 869 -3.32 24.93 18.60
N ARG A 870 -3.84 25.16 17.38
CA ARG A 870 -3.65 26.46 16.71
C ARG A 870 -4.50 27.53 17.37
N ASP A 871 -3.94 28.74 17.49
CA ASP A 871 -4.69 29.95 17.84
C ASP A 871 -5.65 30.37 16.71
N ASP A 872 -6.89 30.70 17.08
CA ASP A 872 -7.97 30.98 16.09
C ASP A 872 -7.60 32.04 15.05
N ALA A 873 -6.91 33.08 15.50
CA ALA A 873 -6.48 34.14 14.61
C ALA A 873 -4.98 34.06 14.32
N SER A 874 -4.42 32.85 14.32
CA SER A 874 -3.17 32.60 13.59
C SER A 874 -3.39 32.23 12.11
N ILE A 875 -4.64 32.07 11.69
CA ILE A 875 -4.93 31.80 10.27
C ILE A 875 -6.04 32.69 9.71
N LYS A 876 -5.78 33.33 8.57
CA LYS A 876 -6.79 34.13 7.88
C LYS A 876 -7.72 33.20 7.12
N GLU A 877 -9.03 33.27 7.40
CA GLU A 877 -10.00 32.37 6.77
C GLU A 877 -10.15 32.64 5.29
N GLY A 878 -9.84 31.63 4.49
CA GLY A 878 -10.22 31.61 3.10
C GLY A 878 -11.68 31.34 2.88
N GLU A 879 -12.02 31.21 1.60
CA GLU A 879 -13.40 31.07 1.16
C GLU A 879 -14.06 29.81 1.70
N TRP A 880 -13.35 28.68 1.63
CA TRP A 880 -13.88 27.42 2.13
C TRP A 880 -14.12 27.49 3.66
N LEU A 881 -13.14 27.96 4.42
CA LEU A 881 -13.33 28.09 5.86
C LEU A 881 -14.52 28.98 6.20
N LYS A 882 -14.68 30.09 5.49
CA LYS A 882 -15.83 30.98 5.73
C LYS A 882 -17.14 30.28 5.49
N LYS A 883 -17.26 29.54 4.39
CA LYS A 883 -18.49 28.80 4.10
C LYS A 883 -18.78 27.77 5.20
N MET A 884 -17.73 27.16 5.74
CA MET A 884 -17.92 26.16 6.79
C MET A 884 -18.49 26.72 8.12
N ARG A 885 -18.49 28.04 8.27
CA ARG A 885 -19.16 28.66 9.39
C ARG A 885 -20.64 28.30 9.50
N THR A 886 -21.27 27.95 8.39
CA THR A 886 -22.66 27.52 8.43
C THR A 886 -22.84 26.03 8.75
N VAL A 887 -21.74 25.30 8.96
CA VAL A 887 -21.81 23.85 9.09
C VAL A 887 -21.60 23.46 10.55
N ASN A 888 -22.59 22.74 11.09
CA ASN A 888 -22.66 22.49 12.52
C ASN A 888 -22.48 21.01 12.85
N VAL A 889 -22.06 20.75 14.08
CA VAL A 889 -22.43 19.51 14.76
C VAL A 889 -23.85 19.69 15.27
N GLU A 890 -24.77 18.82 14.86
CA GLU A 890 -26.18 18.91 15.27
C GLU A 890 -26.69 17.82 16.19
N LYS A 891 -26.03 16.65 16.20
CA LYS A 891 -26.51 15.52 16.97
C LYS A 891 -25.30 14.88 17.64
N ILE A 892 -25.46 14.52 18.91
CA ILE A 892 -24.47 13.72 19.63
C ILE A 892 -25.19 12.49 20.20
N ILE A 893 -24.64 11.31 19.98
CA ILE A 893 -25.13 10.08 20.57
C ILE A 893 -24.06 9.59 21.54
N VAL A 894 -24.46 9.29 22.77
CA VAL A 894 -23.54 8.70 23.72
C VAL A 894 -24.00 7.24 23.95
N VAL A 895 -23.15 6.32 23.58
CA VAL A 895 -23.40 4.88 23.80
C VAL A 895 -22.65 4.44 25.04
N GLY A 896 -23.35 3.78 25.96
CA GLY A 896 -22.79 3.47 27.27
C GLY A 896 -22.95 4.65 28.23
N ALA A 897 -24.12 5.28 28.17
CA ALA A 897 -24.42 6.44 28.97
C ALA A 897 -24.58 6.07 30.45
N PRO A 898 -23.93 6.82 31.35
CA PRO A 898 -24.00 6.48 32.78
C PRO A 898 -25.40 6.62 33.35
N ALA A 899 -25.76 5.75 34.28
CA ALA A 899 -27.07 5.77 34.90
C ALA A 899 -27.38 7.10 35.60
N ALA A 900 -26.36 7.77 36.10
CA ALA A 900 -26.53 9.07 36.77
C ALA A 900 -27.21 10.13 35.91
N TRP A 901 -27.24 9.92 34.58
CA TRP A 901 -27.84 10.91 33.68
C TRP A 901 -29.35 10.70 33.52
N LYS A 902 -29.87 9.60 34.07
CA LYS A 902 -31.28 9.28 33.92
C LYS A 902 -32.11 10.39 34.58
N GLY A 903 -33.15 10.81 33.89
CA GLY A 903 -34.02 11.85 34.38
C GLY A 903 -33.55 13.27 34.18
N LYS A 904 -32.31 13.47 33.73
CA LYS A 904 -31.87 14.81 33.32
C LYS A 904 -32.30 15.07 31.89
N LYS A 905 -32.91 16.22 31.63
CA LYS A 905 -33.54 16.46 30.33
C LYS A 905 -32.74 17.41 29.46
N THR A 906 -31.70 18.02 30.02
CA THR A 906 -30.85 18.88 29.22
C THR A 906 -29.36 18.62 29.45
N VAL A 907 -28.58 19.03 28.45
CA VAL A 907 -27.16 19.29 28.64
C VAL A 907 -26.91 20.78 28.48
N THR A 908 -25.76 21.22 28.98
CA THR A 908 -25.35 22.62 28.83
C THR A 908 -24.30 22.71 27.75
N VAL A 909 -24.54 23.57 26.75
CA VAL A 909 -23.65 23.74 25.62
C VAL A 909 -22.98 25.10 25.73
N GLU A 910 -21.67 25.14 25.52
CA GLU A 910 -20.96 26.42 25.47
C GLU A 910 -20.10 26.48 24.21
N SER A 911 -20.18 27.59 23.49
CA SER A 911 -19.40 27.74 22.25
C SER A 911 -19.34 29.22 21.89
N GLU A 912 -18.13 29.69 21.58
CA GLU A 912 -17.89 31.06 21.07
C GLU A 912 -18.58 32.10 21.98
N GLY A 913 -18.43 31.90 23.29
CA GLY A 913 -18.91 32.84 24.30
C GLY A 913 -20.36 32.68 24.72
N LYS A 914 -21.13 31.86 24.01
CA LYS A 914 -22.55 31.71 24.29
C LYS A 914 -22.80 30.40 25.04
N THR A 915 -23.72 30.41 25.99
CA THR A 915 -24.12 29.20 26.68
C THR A 915 -25.61 28.96 26.51
N TRP A 916 -25.99 27.68 26.35
CA TRP A 916 -27.40 27.31 26.26
C TRP A 916 -27.68 25.88 26.67
N ALA A 917 -28.95 25.56 26.85
CA ALA A 917 -29.37 24.21 27.15
C ALA A 917 -29.81 23.54 25.86
N ALA A 918 -29.47 22.26 25.70
CA ALA A 918 -29.98 21.46 24.59
C ALA A 918 -30.66 20.24 25.19
N ALA A 919 -31.75 19.81 24.57
CA ALA A 919 -32.52 18.67 25.06
C ALA A 919 -31.72 17.40 24.88
N ILE A 920 -31.77 16.52 25.88
CA ILE A 920 -31.19 15.18 25.77
C ILE A 920 -32.23 14.14 26.11
N GLU A 921 -32.22 13.01 25.39
CA GLU A 921 -33.07 11.86 25.68
C GLU A 921 -32.20 10.72 26.17
N TYR A 922 -32.45 10.29 27.40
CA TYR A 922 -31.72 9.18 28.01
C TYR A 922 -32.55 7.93 27.81
N ASN A 923 -31.92 6.86 27.35
CA ASN A 923 -32.54 5.55 27.14
C ASN A 923 -31.86 4.52 28.02
N PRO A 924 -32.56 3.99 29.02
CA PRO A 924 -31.91 3.03 29.91
C PRO A 924 -31.50 1.74 29.18
N ALA A 925 -30.53 1.03 29.74
CA ALA A 925 -30.15 -0.31 29.25
C ALA A 925 -31.38 -1.18 29.27
N GLU A 926 -31.50 -2.02 28.25
CA GLU A 926 -32.57 -2.98 28.12
C GLU A 926 -32.05 -4.29 27.54
N LYS A 927 -32.15 -5.36 28.33
CA LYS A 927 -31.54 -6.63 28.00
C LYS A 927 -30.04 -6.43 27.74
N SER A 928 -29.55 -6.82 26.57
CA SER A 928 -28.14 -6.57 26.28
C SER A 928 -27.89 -5.27 25.54
N ARG A 929 -28.96 -4.51 25.27
CA ARG A 929 -28.83 -3.18 24.66
C ARG A 929 -28.33 -2.17 25.67
N ALA A 930 -27.24 -1.50 25.33
CA ALA A 930 -26.63 -0.49 26.17
C ALA A 930 -27.56 0.69 26.46
N ALA A 931 -27.37 1.32 27.62
CA ALA A 931 -27.91 2.67 27.83
C ALA A 931 -27.30 3.63 26.83
N PHE A 932 -28.13 4.51 26.28
CA PHE A 932 -27.60 5.49 25.36
C PHE A 932 -28.41 6.78 25.46
N ALA A 933 -27.75 7.90 25.14
CA ALA A 933 -28.40 9.20 25.22
C ALA A 933 -28.17 9.95 23.92
N VAL A 934 -29.17 10.73 23.52
CA VAL A 934 -29.14 11.45 22.26
C VAL A 934 -29.45 12.93 22.51
N VAL A 935 -28.55 13.79 22.03
CA VAL A 935 -28.70 15.23 22.05
C VAL A 935 -29.01 15.66 20.66
N LYS A 936 -30.16 16.27 20.44
CA LYS A 936 -30.54 16.74 19.13
C LYS A 936 -30.40 18.26 19.05
N LYS A 937 -30.28 18.76 17.84
CA LYS A 937 -30.18 20.17 17.53
C LYS A 937 -29.15 20.91 18.39
N VAL A 938 -27.95 20.32 18.48
CA VAL A 938 -26.87 20.86 19.30
C VAL A 938 -26.54 22.29 18.80
N GLY A 939 -26.42 22.44 17.50
CA GLY A 939 -26.29 23.76 16.86
C GLY A 939 -24.98 24.49 17.12
N VAL A 940 -23.85 23.76 17.07
CA VAL A 940 -22.54 24.34 17.27
C VAL A 940 -21.72 24.24 16.00
N ARG A 941 -21.07 25.33 15.62
CA ARG A 941 -20.35 25.28 14.34
C ARG A 941 -19.12 24.39 14.47
N VAL A 942 -18.83 23.61 13.43
CA VAL A 942 -17.85 22.53 13.54
C VAL A 942 -16.46 23.07 13.69
N GLY A 943 -16.24 24.27 13.15
CA GLY A 943 -14.93 24.90 13.22
C GLY A 943 -14.57 25.59 14.53
N ALA A 944 -15.47 25.60 15.51
CA ALA A 944 -15.24 26.38 16.73
C ALA A 944 -15.12 25.46 17.93
N ASP A 945 -14.36 25.91 18.94
CA ASP A 945 -14.30 25.22 20.23
C ASP A 945 -15.69 25.08 20.81
N PHE A 946 -15.93 23.96 21.49
CA PHE A 946 -17.13 23.85 22.29
C PHE A 946 -16.94 22.97 23.51
N LYS A 947 -17.84 23.14 24.47
CA LYS A 947 -17.83 22.35 25.68
C LYS A 947 -19.28 22.02 25.99
N ILE A 948 -19.59 20.73 26.11
CA ILE A 948 -20.94 20.27 26.43
C ILE A 948 -20.91 19.44 27.69
N VAL A 949 -21.69 19.85 28.70
CA VAL A 949 -21.67 19.20 30.01
C VAL A 949 -22.94 18.38 30.20
N PHE A 950 -22.75 17.08 30.44
CA PHE A 950 -23.80 16.12 30.60
C PHE A 950 -24.05 15.85 32.10
N GLY A 951 -25.27 15.45 32.39
CA GLY A 951 -25.64 14.98 33.71
C GLY A 951 -26.11 16.09 34.64
#